data_2PJV
#
_entry.id   2PJV
#
_entity_poly.entity_id   1
_entity_poly.type   'polypeptide(L)'
_entity_poly.pdbx_seq_one_letter_code
;AVGIGALFLGFLGAAGSTVGAASGGGKKKKK
;
_entity_poly.pdbx_strand_id   A
#
# COMPACT_ATOMS: atom_id res chain seq x y z
N ALA A 1 -4.04 1.78 -11.32
CA ALA A 1 -3.54 2.66 -10.25
C ALA A 1 -2.74 3.79 -10.89
N VAL A 2 -3.10 5.06 -10.64
CA VAL A 2 -2.52 6.21 -11.33
C VAL A 2 -2.28 7.38 -10.37
N GLY A 3 -3.34 8.05 -9.92
CA GLY A 3 -3.29 9.12 -8.93
C GLY A 3 -3.27 8.55 -7.52
N ILE A 4 -4.37 8.78 -6.79
CA ILE A 4 -4.55 8.34 -5.40
C ILE A 4 -4.39 6.82 -5.29
N GLY A 5 -4.82 6.09 -6.32
CA GLY A 5 -4.73 4.63 -6.38
C GLY A 5 -3.28 4.16 -6.43
N ALA A 6 -2.38 4.94 -7.06
CA ALA A 6 -0.96 4.67 -7.05
C ALA A 6 -0.38 4.87 -5.65
N LEU A 7 -0.90 5.81 -4.86
CA LEU A 7 -0.53 5.94 -3.45
C LEU A 7 -1.06 4.74 -2.69
N PHE A 8 -2.26 4.31 -3.02
CA PHE A 8 -2.98 3.27 -2.29
C PHE A 8 -2.29 1.91 -2.39
N LEU A 9 -1.96 1.53 -3.62
CA LEU A 9 -1.21 0.33 -3.92
C LEU A 9 0.24 0.56 -3.50
N GLY A 10 0.71 1.79 -3.70
CA GLY A 10 2.14 2.06 -3.74
C GLY A 10 2.68 2.63 -2.44
N PHE A 11 2.32 3.87 -2.12
CA PHE A 11 2.76 4.59 -0.93
C PHE A 11 2.31 3.86 0.36
N LEU A 12 1.02 3.50 0.42
CA LEU A 12 0.41 2.70 1.48
C LEU A 12 0.95 1.27 1.44
N GLY A 13 1.08 0.66 0.25
CA GLY A 13 1.55 -0.72 0.19
C GLY A 13 3.03 -0.86 0.59
N ALA A 14 3.86 0.16 0.33
CA ALA A 14 5.23 0.24 0.85
C ALA A 14 5.23 0.31 2.38
N ALA A 15 4.27 1.03 2.98
CA ALA A 15 4.03 1.00 4.42
C ALA A 15 3.23 -0.22 4.88
N GLY A 16 3.13 -1.25 4.04
CA GLY A 16 2.44 -2.50 4.32
C GLY A 16 3.26 -3.38 5.25
N SER A 17 3.88 -2.77 6.28
CA SER A 17 4.73 -3.46 7.25
C SER A 17 3.94 -4.41 8.18
N THR A 18 2.60 -4.29 8.19
CA THR A 18 1.70 -5.25 8.83
C THR A 18 1.31 -6.34 7.82
N VAL A 19 1.17 -7.58 8.31
CA VAL A 19 0.42 -8.65 7.66
C VAL A 19 -0.93 -8.17 7.10
N GLY A 20 -1.58 -7.19 7.74
CA GLY A 20 -2.86 -6.63 7.32
C GLY A 20 -2.73 -5.66 6.14
N ALA A 21 -1.87 -5.96 5.16
CA ALA A 21 -1.63 -5.15 3.98
C ALA A 21 -1.19 -6.03 2.81
N ALA A 22 -0.99 -5.43 1.63
CA ALA A 22 -0.69 -6.14 0.39
C ALA A 22 0.63 -6.93 0.45
N SER A 23 1.59 -6.50 1.27
CA SER A 23 2.85 -7.19 1.48
C SER A 23 2.73 -8.42 2.42
N GLY A 24 1.59 -8.63 3.09
CA GLY A 24 1.40 -9.70 4.06
C GLY A 24 1.40 -11.09 3.42
N ALA A 1 -6.33 3.67 -10.00
CA ALA A 1 -4.86 3.68 -10.06
C ALA A 1 -4.38 5.12 -10.29
N VAL A 2 -3.13 5.30 -10.74
CA VAL A 2 -2.52 6.52 -11.29
C VAL A 2 -2.38 7.66 -10.27
N GLY A 3 -3.50 8.24 -9.81
CA GLY A 3 -3.53 9.21 -8.74
C GLY A 3 -3.53 8.49 -7.39
N ILE A 4 -4.66 8.60 -6.68
CA ILE A 4 -4.83 8.07 -5.33
C ILE A 4 -4.53 6.57 -5.28
N GLY A 5 -4.87 5.83 -6.35
CA GLY A 5 -4.67 4.39 -6.39
C GLY A 5 -3.19 4.02 -6.49
N ALA A 6 -2.37 4.90 -7.09
CA ALA A 6 -0.93 4.72 -7.09
C ALA A 6 -0.37 4.90 -5.68
N LEU A 7 -0.95 5.80 -4.87
CA LEU A 7 -0.59 5.91 -3.45
C LEU A 7 -1.06 4.67 -2.70
N PHE A 8 -2.24 4.18 -3.04
CA PHE A 8 -2.91 3.12 -2.29
C PHE A 8 -2.16 1.80 -2.38
N LEU A 9 -1.82 1.43 -3.61
CA LEU A 9 -1.00 0.27 -3.87
C LEU A 9 0.44 0.59 -3.46
N GLY A 10 0.84 1.83 -3.71
CA GLY A 10 2.26 2.17 -3.76
C GLY A 10 2.76 2.73 -2.44
N PHE A 11 2.40 3.98 -2.15
CA PHE A 11 2.81 4.73 -0.96
C PHE A 11 2.40 3.99 0.32
N LEU A 12 1.14 3.57 0.39
CA LEU A 12 0.56 2.78 1.46
C LEU A 12 1.15 1.36 1.45
N GLY A 13 1.19 0.70 0.29
CA GLY A 13 1.62 -0.70 0.24
C GLY A 13 3.11 -0.87 0.57
N ALA A 14 3.95 0.13 0.28
CA ALA A 14 5.33 0.16 0.74
C ALA A 14 5.41 0.16 2.27
N ALA A 15 4.51 0.87 2.94
CA ALA A 15 4.33 0.81 4.39
C ALA A 15 3.50 -0.39 4.87
N GLY A 16 3.30 -1.40 4.03
CA GLY A 16 2.46 -2.57 4.28
C GLY A 16 3.12 -3.55 5.25
N SER A 17 3.87 -3.03 6.23
CA SER A 17 4.58 -3.81 7.24
C SER A 17 3.57 -4.58 8.12
N THR A 18 2.43 -3.95 8.43
CA THR A 18 1.24 -4.64 8.90
C THR A 18 0.63 -5.36 7.68
N VAL A 19 1.08 -6.59 7.44
CA VAL A 19 0.53 -7.51 6.44
C VAL A 19 -1.01 -7.46 6.48
N GLY A 20 -1.64 -7.13 5.35
CA GLY A 20 -2.99 -6.57 5.35
C GLY A 20 -4.11 -7.56 5.66
N ALA A 21 -3.83 -8.87 5.67
CA ALA A 21 -4.71 -9.97 6.07
C ALA A 21 -6.12 -9.99 5.43
N ALA A 22 -6.35 -9.24 4.34
CA ALA A 22 -7.68 -9.00 3.79
C ALA A 22 -8.33 -10.27 3.23
N SER A 23 -7.54 -11.15 2.62
CA SER A 23 -7.95 -12.48 2.18
C SER A 23 -7.99 -13.51 3.32
N GLY A 24 -7.48 -13.15 4.49
CA GLY A 24 -6.66 -14.01 5.32
C GLY A 24 -5.23 -13.48 5.24
N ALA A 1 -2.74 2.12 -12.45
CA ALA A 1 -3.18 3.13 -11.47
C ALA A 1 -2.47 4.45 -11.76
N VAL A 2 -3.02 5.59 -11.31
CA VAL A 2 -2.52 6.91 -11.67
C VAL A 2 -2.40 7.83 -10.45
N GLY A 3 -3.52 8.35 -9.93
CA GLY A 3 -3.57 9.29 -8.84
C GLY A 3 -3.49 8.58 -7.50
N ILE A 4 -4.58 8.71 -6.75
CA ILE A 4 -4.72 8.19 -5.39
C ILE A 4 -4.49 6.67 -5.38
N GLY A 5 -4.88 5.97 -6.46
CA GLY A 5 -4.73 4.52 -6.55
C GLY A 5 -3.26 4.11 -6.62
N ALA A 6 -2.41 4.95 -7.24
CA ALA A 6 -0.97 4.73 -7.27
C ALA A 6 -0.38 4.90 -5.86
N LEU A 7 -0.92 5.81 -5.04
CA LEU A 7 -0.55 5.92 -3.64
C LEU A 7 -1.04 4.69 -2.88
N PHE A 8 -2.24 4.23 -3.20
CA PHE A 8 -2.95 3.23 -2.42
C PHE A 8 -2.25 1.88 -2.46
N LEU A 9 -1.92 1.44 -3.67
CA LEU A 9 -1.16 0.21 -3.85
C LEU A 9 0.31 0.47 -3.60
N GLY A 10 0.72 1.74 -3.76
CA GLY A 10 2.15 2.09 -3.85
C GLY A 10 2.69 2.66 -2.56
N PHE A 11 2.42 3.95 -2.33
CA PHE A 11 2.88 4.73 -1.18
C PHE A 11 2.43 4.09 0.14
N LEU A 12 1.14 3.74 0.25
CA LEU A 12 0.53 3.03 1.36
C LEU A 12 1.06 1.59 1.40
N GLY A 13 1.11 0.89 0.26
CA GLY A 13 1.50 -0.51 0.24
C GLY A 13 2.97 -0.72 0.58
N ALA A 14 3.85 0.26 0.32
CA ALA A 14 5.22 0.27 0.79
C ALA A 14 5.29 0.30 2.32
N ALA A 15 4.34 0.98 2.99
CA ALA A 15 4.16 0.93 4.44
C ALA A 15 3.40 -0.32 4.91
N GLY A 16 3.27 -1.34 4.07
CA GLY A 16 2.49 -2.54 4.33
C GLY A 16 3.21 -3.47 5.31
N SER A 17 3.61 -2.91 6.46
CA SER A 17 4.10 -3.68 7.60
C SER A 17 2.97 -4.59 8.12
N THR A 18 3.34 -5.64 8.85
CA THR A 18 2.37 -6.57 9.44
C THR A 18 1.56 -5.88 10.55
N VAL A 19 2.06 -4.78 11.14
CA VAL A 19 1.29 -3.81 11.90
C VAL A 19 -0.04 -3.44 11.20
N GLY A 20 -0.06 -3.40 9.86
CA GLY A 20 -1.22 -3.06 9.05
C GLY A 20 -2.04 -4.25 8.57
N ALA A 21 -1.81 -5.48 9.09
CA ALA A 21 -2.49 -6.72 8.69
C ALA A 21 -3.96 -6.79 9.12
N ALA A 22 -4.73 -5.71 8.90
CA ALA A 22 -6.14 -5.63 9.26
C ALA A 22 -7.01 -6.63 8.47
N SER A 23 -6.60 -6.97 7.25
CA SER A 23 -7.18 -8.03 6.43
C SER A 23 -6.70 -9.43 6.84
N GLY A 24 -5.70 -9.53 7.72
CA GLY A 24 -4.62 -10.51 7.58
C GLY A 24 -3.57 -9.92 6.65
N ALA A 1 -2.65 1.86 -9.13
CA ALA A 1 -3.25 2.66 -10.21
C ALA A 1 -2.43 3.94 -10.39
N VAL A 2 -3.03 5.11 -10.66
CA VAL A 2 -2.32 6.26 -11.23
C VAL A 2 -2.33 7.51 -10.33
N GLY A 3 -3.51 7.99 -9.88
CA GLY A 3 -3.62 9.11 -8.97
C GLY A 3 -3.44 8.66 -7.53
N ILE A 4 -4.52 8.80 -6.76
CA ILE A 4 -4.56 8.39 -5.34
C ILE A 4 -4.36 6.87 -5.25
N GLY A 5 -4.82 6.14 -6.27
CA GLY A 5 -4.66 4.71 -6.42
C GLY A 5 -3.24 4.28 -6.73
N ALA A 6 -2.36 5.19 -7.18
CA ALA A 6 -0.92 4.94 -7.14
C ALA A 6 -0.44 4.92 -5.69
N LEU A 7 -0.91 5.85 -4.85
CA LEU A 7 -0.52 5.92 -3.45
C LEU A 7 -1.06 4.70 -2.72
N PHE A 8 -2.25 4.26 -3.08
CA PHE A 8 -2.96 3.20 -2.37
C PHE A 8 -2.23 1.87 -2.48
N LEU A 9 -1.88 1.52 -3.71
CA LEU A 9 -1.12 0.33 -4.04
C LEU A 9 0.32 0.56 -3.58
N GLY A 10 0.78 1.80 -3.74
CA GLY A 10 2.20 2.12 -3.77
C GLY A 10 2.71 2.62 -2.44
N PHE A 11 2.34 3.85 -2.09
CA PHE A 11 2.75 4.54 -0.86
C PHE A 11 2.27 3.77 0.38
N LEU A 12 0.98 3.41 0.40
CA LEU A 12 0.33 2.62 1.45
C LEU A 12 0.83 1.17 1.40
N GLY A 13 1.00 0.58 0.22
CA GLY A 13 1.48 -0.79 0.12
C GLY A 13 2.94 -0.92 0.57
N ALA A 14 3.78 0.09 0.32
CA ALA A 14 5.13 0.16 0.87
C ALA A 14 5.11 0.25 2.40
N ALA A 15 4.06 0.85 3.00
CA ALA A 15 3.81 0.81 4.43
C ALA A 15 3.17 -0.49 4.92
N GLY A 16 3.21 -1.54 4.10
CA GLY A 16 2.69 -2.87 4.42
C GLY A 16 3.62 -3.62 5.38
N SER A 17 4.17 -2.91 6.37
CA SER A 17 4.92 -3.47 7.47
C SER A 17 4.02 -4.35 8.34
N THR A 18 2.73 -3.99 8.47
CA THR A 18 1.70 -4.91 8.92
C THR A 18 1.12 -5.61 7.69
N VAL A 19 0.96 -6.93 7.78
CA VAL A 19 0.08 -7.73 6.93
C VAL A 19 -1.29 -7.06 6.74
N GLY A 20 -1.86 -6.50 7.82
CA GLY A 20 -3.20 -5.92 7.84
C GLY A 20 -3.24 -4.50 7.25
N ALA A 21 -2.51 -4.24 6.17
CA ALA A 21 -2.52 -2.96 5.48
C ALA A 21 -3.80 -2.82 4.65
N ALA A 22 -4.29 -1.59 4.51
CA ALA A 22 -5.52 -1.27 3.79
C ALA A 22 -5.48 -1.68 2.32
N SER A 23 -4.29 -1.72 1.70
CA SER A 23 -4.11 -2.21 0.33
C SER A 23 -4.39 -3.72 0.16
N GLY A 24 -4.56 -4.50 1.23
CA GLY A 24 -4.81 -5.94 1.17
C GLY A 24 -6.13 -6.28 1.83
N ALA A 1 -6.42 3.93 -10.07
CA ALA A 1 -6.04 5.11 -10.86
C ALA A 1 -4.61 5.53 -10.53
N VAL A 2 -3.88 6.05 -11.51
CA VAL A 2 -2.43 6.34 -11.49
C VAL A 2 -2.07 7.46 -10.49
N GLY A 3 -3.07 8.22 -10.05
CA GLY A 3 -2.98 9.18 -8.95
C GLY A 3 -3.16 8.48 -7.62
N ILE A 4 -4.36 8.64 -7.05
CA ILE A 4 -4.72 8.18 -5.72
C ILE A 4 -4.50 6.67 -5.59
N GLY A 5 -4.77 5.89 -6.65
CA GLY A 5 -4.62 4.45 -6.57
C GLY A 5 -3.15 4.05 -6.52
N ALA A 6 -2.27 4.83 -7.16
CA ALA A 6 -0.84 4.63 -7.09
C ALA A 6 -0.31 4.95 -5.69
N LEU A 7 -0.91 5.89 -4.95
CA LEU A 7 -0.61 6.06 -3.53
C LEU A 7 -1.11 4.86 -2.75
N PHE A 8 -2.29 4.37 -3.10
CA PHE A 8 -2.99 3.37 -2.30
C PHE A 8 -2.28 2.03 -2.32
N LEU A 9 -1.94 1.55 -3.52
CA LEU A 9 -1.18 0.33 -3.66
C LEU A 9 0.30 0.61 -3.43
N GLY A 10 0.70 1.87 -3.60
CA GLY A 10 2.12 2.21 -3.65
C GLY A 10 2.61 2.80 -2.34
N PHE A 11 2.35 4.11 -2.15
CA PHE A 11 2.77 4.88 -0.99
C PHE A 11 2.31 4.23 0.33
N LEU A 12 1.03 3.86 0.41
CA LEU A 12 0.41 3.14 1.51
C LEU A 12 0.87 1.67 1.50
N GLY A 13 0.80 0.99 0.36
CA GLY A 13 1.04 -0.45 0.32
C GLY A 13 2.48 -0.83 0.63
N ALA A 14 3.46 0.02 0.27
CA ALA A 14 4.85 -0.12 0.68
C ALA A 14 4.99 -0.07 2.21
N ALA A 15 4.17 0.74 2.90
CA ALA A 15 4.10 0.76 4.35
C ALA A 15 3.25 -0.37 4.95
N GLY A 16 2.95 -1.40 4.17
CA GLY A 16 2.18 -2.55 4.61
C GLY A 16 3.00 -3.49 5.48
N SER A 17 3.85 -2.93 6.35
CA SER A 17 4.77 -3.63 7.26
C SER A 17 4.04 -4.28 8.45
N THR A 18 2.95 -4.99 8.18
CA THR A 18 2.25 -5.83 9.14
C THR A 18 3.05 -7.12 9.40
N VAL A 19 2.48 -8.07 10.17
CA VAL A 19 3.04 -9.40 10.40
C VAL A 19 3.57 -10.05 9.12
N GLY A 20 2.75 -10.09 8.07
CA GLY A 20 3.14 -10.42 6.71
C GLY A 20 3.58 -9.15 6.01
N ALA A 21 4.78 -8.66 6.36
CA ALA A 21 5.29 -7.35 5.97
C ALA A 21 5.41 -7.21 4.45
N ALA A 22 4.52 -6.41 3.83
CA ALA A 22 4.55 -6.13 2.40
C ALA A 22 5.84 -5.42 1.98
N SER A 23 6.46 -4.66 2.90
CA SER A 23 7.76 -4.02 2.73
C SER A 23 8.92 -5.02 2.61
N GLY A 24 8.73 -6.27 3.06
CA GLY A 24 9.80 -6.98 3.75
C GLY A 24 9.95 -6.45 5.17
N ALA A 1 -3.80 2.21 -11.80
CA ALA A 1 -3.38 3.05 -10.66
C ALA A 1 -2.62 4.25 -11.22
N VAL A 2 -2.99 5.48 -10.83
CA VAL A 2 -2.44 6.71 -11.43
C VAL A 2 -2.19 7.77 -10.37
N GLY A 3 -3.25 8.43 -9.86
CA GLY A 3 -3.21 9.41 -8.80
C GLY A 3 -3.23 8.72 -7.43
N ILE A 4 -4.35 8.92 -6.72
CA ILE A 4 -4.55 8.39 -5.37
C ILE A 4 -4.40 6.85 -5.35
N GLY A 5 -4.80 6.19 -6.45
CA GLY A 5 -4.70 4.74 -6.61
C GLY A 5 -3.24 4.28 -6.65
N ALA A 6 -2.34 5.12 -7.18
CA ALA A 6 -0.91 4.86 -7.15
C ALA A 6 -0.37 4.97 -5.73
N LEU A 7 -0.92 5.85 -4.88
CA LEU A 7 -0.59 5.87 -3.46
C LEU A 7 -1.13 4.61 -2.80
N PHE A 8 -2.33 4.20 -3.20
CA PHE A 8 -3.06 3.09 -2.57
C PHE A 8 -2.32 1.76 -2.72
N LEU A 9 -1.93 1.48 -3.96
CA LEU A 9 -1.13 0.32 -4.30
C LEU A 9 0.29 0.54 -3.78
N GLY A 10 0.74 1.79 -3.89
CA GLY A 10 2.16 2.10 -3.89
C GLY A 10 2.65 2.59 -2.53
N PHE A 11 2.23 3.78 -2.13
CA PHE A 11 2.61 4.42 -0.87
C PHE A 11 2.10 3.62 0.34
N LEU A 12 0.82 3.25 0.32
CA LEU A 12 0.16 2.40 1.31
C LEU A 12 0.73 0.98 1.23
N GLY A 13 0.97 0.45 0.03
CA GLY A 13 1.52 -0.90 -0.07
C GLY A 13 2.97 -0.96 0.43
N ALA A 14 3.78 0.07 0.19
CA ALA A 14 5.10 0.22 0.79
C ALA A 14 5.01 0.32 2.31
N ALA A 15 4.00 1.01 2.84
CA ALA A 15 3.67 1.04 4.27
C ALA A 15 3.00 -0.23 4.78
N GLY A 16 3.03 -1.32 4.02
CA GLY A 16 2.43 -2.61 4.38
C GLY A 16 3.25 -3.34 5.44
N SER A 17 3.76 -2.61 6.43
CA SER A 17 4.40 -3.17 7.61
C SER A 17 3.36 -3.98 8.38
N THR A 18 3.68 -5.23 8.73
CA THR A 18 2.77 -6.17 9.37
C THR A 18 2.39 -5.76 10.79
N VAL A 19 3.20 -4.92 11.44
CA VAL A 19 2.82 -4.10 12.59
C VAL A 19 1.45 -3.42 12.37
N GLY A 20 1.28 -2.77 11.22
CA GLY A 20 0.08 -2.05 10.79
C GLY A 20 -0.80 -2.93 9.92
N ALA A 21 -1.53 -2.30 9.00
CA ALA A 21 -2.49 -2.87 8.05
C ALA A 21 -3.72 -3.48 8.73
N ALA A 22 -3.53 -4.44 9.65
CA ALA A 22 -4.63 -5.05 10.40
C ALA A 22 -5.36 -4.01 11.27
N SER A 23 -4.60 -3.12 11.92
CA SER A 23 -5.07 -1.95 12.65
C SER A 23 -5.43 -0.77 11.73
N GLY A 24 -5.09 -0.85 10.45
CA GLY A 24 -4.54 0.30 9.74
C GLY A 24 -3.04 0.27 9.96
N ALA A 1 -7.23 4.98 -9.64
CA ALA A 1 -6.17 4.80 -10.67
C ALA A 1 -4.97 5.69 -10.34
N VAL A 2 -4.02 5.80 -11.28
CA VAL A 2 -2.63 6.31 -11.32
C VAL A 2 -2.27 7.51 -10.43
N GLY A 3 -3.25 8.29 -9.98
CA GLY A 3 -3.12 9.25 -8.91
C GLY A 3 -3.27 8.55 -7.57
N ILE A 4 -4.43 8.71 -6.93
CA ILE A 4 -4.72 8.21 -5.59
C ILE A 4 -4.47 6.70 -5.49
N GLY A 5 -4.78 5.93 -6.54
CA GLY A 5 -4.63 4.49 -6.54
C GLY A 5 -3.16 4.09 -6.56
N ALA A 6 -2.30 4.91 -7.17
CA ALA A 6 -0.86 4.70 -7.14
C ALA A 6 -0.32 4.92 -5.73
N LEU A 7 -0.89 5.85 -4.95
CA LEU A 7 -0.57 5.99 -3.54
C LEU A 7 -1.09 4.78 -2.77
N PHE A 8 -2.28 4.31 -3.13
CA PHE A 8 -2.99 3.30 -2.36
C PHE A 8 -2.29 1.94 -2.42
N LEU A 9 -1.95 1.53 -3.64
CA LEU A 9 -1.18 0.33 -3.87
C LEU A 9 0.26 0.60 -3.46
N GLY A 10 0.71 1.83 -3.68
CA GLY A 10 2.14 2.11 -3.72
C GLY A 10 2.65 2.69 -2.41
N PHE A 11 2.34 3.97 -2.16
CA PHE A 11 2.77 4.72 -0.99
C PHE A 11 2.30 4.05 0.31
N LEU A 12 1.01 3.69 0.37
CA LEU A 12 0.38 2.93 1.44
C LEU A 12 0.92 1.50 1.46
N GLY A 13 0.99 0.81 0.31
CA GLY A 13 1.38 -0.60 0.30
C GLY A 13 2.85 -0.79 0.68
N ALA A 14 3.72 0.19 0.44
CA ALA A 14 5.08 0.19 0.95
C ALA A 14 5.12 0.20 2.48
N ALA A 15 4.12 0.80 3.15
CA ALA A 15 3.93 0.70 4.59
C ALA A 15 3.27 -0.59 5.06
N GLY A 16 3.21 -1.61 4.19
CA GLY A 16 2.67 -2.94 4.49
C GLY A 16 3.63 -3.75 5.36
N SER A 17 4.18 -3.11 6.40
CA SER A 17 4.99 -3.73 7.43
C SER A 17 4.13 -4.66 8.30
N THR A 18 2.87 -4.27 8.54
CA THR A 18 1.86 -5.16 9.10
C THR A 18 1.12 -5.88 7.97
N VAL A 19 0.43 -6.98 8.32
CA VAL A 19 -0.50 -7.70 7.46
C VAL A 19 -1.43 -6.76 6.68
N GLY A 20 -1.59 -7.01 5.38
CA GLY A 20 -2.58 -6.33 4.56
C GLY A 20 -3.86 -7.16 4.51
N ALA A 21 -5.02 -6.49 4.43
CA ALA A 21 -6.30 -7.14 4.26
C ALA A 21 -6.42 -7.69 2.84
N ALA A 22 -6.10 -8.98 2.66
CA ALA A 22 -6.10 -9.63 1.34
C ALA A 22 -7.50 -9.61 0.69
N SER A 23 -8.56 -9.59 1.49
CA SER A 23 -9.94 -9.45 1.08
C SER A 23 -10.28 -8.05 0.53
N GLY A 24 -9.44 -7.04 0.80
CA GLY A 24 -9.94 -5.71 1.10
C GLY A 24 -10.40 -5.65 2.55
N ALA A 1 -2.77 2.06 -9.49
CA ALA A 1 -3.29 2.97 -10.53
C ALA A 1 -2.40 4.22 -10.58
N VAL A 2 -2.94 5.43 -10.81
CA VAL A 2 -2.16 6.58 -11.30
C VAL A 2 -2.15 7.77 -10.32
N GLY A 3 -3.32 8.26 -9.89
CA GLY A 3 -3.42 9.34 -8.91
C GLY A 3 -3.32 8.80 -7.50
N ILE A 4 -4.41 8.94 -6.75
CA ILE A 4 -4.52 8.45 -5.37
C ILE A 4 -4.38 6.93 -5.35
N GLY A 5 -4.83 6.28 -6.42
CA GLY A 5 -4.73 4.85 -6.66
C GLY A 5 -3.31 4.38 -6.96
N ALA A 6 -2.37 5.28 -7.31
CA ALA A 6 -0.96 4.97 -7.22
C ALA A 6 -0.55 4.85 -5.76
N LEU A 7 -0.96 5.79 -4.90
CA LEU A 7 -0.59 5.82 -3.49
C LEU A 7 -1.16 4.59 -2.79
N PHE A 8 -2.35 4.20 -3.16
CA PHE A 8 -3.13 3.11 -2.56
C PHE A 8 -2.41 1.77 -2.66
N LEU A 9 -1.95 1.47 -3.88
CA LEU A 9 -1.18 0.28 -4.18
C LEU A 9 0.24 0.50 -3.67
N GLY A 10 0.71 1.73 -3.84
CA GLY A 10 2.14 2.02 -3.88
C GLY A 10 2.67 2.53 -2.55
N PHE A 11 2.24 3.72 -2.14
CA PHE A 11 2.67 4.39 -0.92
C PHE A 11 2.17 3.62 0.32
N LEU A 12 0.89 3.28 0.34
CA LEU A 12 0.24 2.45 1.34
C LEU A 12 0.84 1.03 1.30
N GLY A 13 1.05 0.46 0.11
CA GLY A 13 1.63 -0.89 0.02
C GLY A 13 3.09 -0.92 0.48
N ALA A 14 3.88 0.12 0.22
CA ALA A 14 5.22 0.27 0.79
C ALA A 14 5.15 0.37 2.32
N ALA A 15 4.15 1.09 2.85
CA ALA A 15 3.83 1.11 4.28
C ALA A 15 3.06 -0.13 4.77
N GLY A 16 3.05 -1.21 3.99
CA GLY A 16 2.33 -2.44 4.31
C GLY A 16 3.07 -3.22 5.39
N SER A 17 3.37 -2.56 6.52
CA SER A 17 4.04 -3.18 7.65
C SER A 17 3.15 -4.27 8.26
N THR A 18 3.78 -5.37 8.73
CA THR A 18 3.05 -6.43 9.41
C THR A 18 2.55 -5.92 10.77
N VAL A 19 3.42 -5.27 11.56
CA VAL A 19 3.02 -4.30 12.57
C VAL A 19 1.96 -3.33 12.02
N GLY A 20 0.75 -3.39 12.57
CA GLY A 20 -0.29 -2.37 12.42
C GLY A 20 -0.24 -1.41 13.60
N ALA A 21 -1.20 -0.47 13.65
CA ALA A 21 -1.35 0.52 14.70
C ALA A 21 -2.84 0.61 15.11
N ALA A 22 -3.14 1.55 16.02
CA ALA A 22 -4.51 1.79 16.48
C ALA A 22 -5.43 2.24 15.33
N SER A 23 -4.88 2.88 14.30
CA SER A 23 -5.59 3.27 13.09
C SER A 23 -5.85 2.11 12.12
N GLY A 24 -5.27 0.92 12.32
CA GLY A 24 -5.26 -0.17 11.37
C GLY A 24 -3.87 -0.33 10.77
N ALA A 1 -5.98 3.78 -10.26
CA ALA A 1 -4.52 3.87 -10.08
C ALA A 1 -4.07 5.32 -10.23
N VAL A 2 -2.83 5.56 -10.67
CA VAL A 2 -2.27 6.83 -11.17
C VAL A 2 -2.18 7.92 -10.09
N GLY A 3 -3.31 8.47 -9.64
CA GLY A 3 -3.39 9.39 -8.53
C GLY A 3 -3.44 8.60 -7.23
N ILE A 4 -4.58 8.67 -6.55
CA ILE A 4 -4.79 8.08 -5.23
C ILE A 4 -4.50 6.57 -5.26
N GLY A 5 -4.82 5.88 -6.37
CA GLY A 5 -4.63 4.44 -6.46
C GLY A 5 -3.14 4.07 -6.55
N ALA A 6 -2.31 4.97 -7.08
CA ALA A 6 -0.86 4.78 -7.05
C ALA A 6 -0.35 4.89 -5.61
N LEU A 7 -0.95 5.76 -4.78
CA LEU A 7 -0.63 5.78 -3.36
C LEU A 7 -1.12 4.51 -2.69
N PHE A 8 -2.32 4.07 -3.06
CA PHE A 8 -3.03 3.02 -2.36
C PHE A 8 -2.32 1.67 -2.44
N LEU A 9 -1.96 1.31 -3.67
CA LEU A 9 -1.18 0.13 -3.94
C LEU A 9 0.27 0.44 -3.58
N GLY A 10 0.70 1.67 -3.85
CA GLY A 10 2.13 1.96 -3.95
C GLY A 10 2.69 2.48 -2.64
N PHE A 11 2.34 3.71 -2.28
CA PHE A 11 2.83 4.38 -1.08
C PHE A 11 2.41 3.64 0.20
N LEU A 12 1.12 3.32 0.30
CA LEU A 12 0.50 2.56 1.38
C LEU A 12 1.04 1.12 1.37
N GLY A 13 1.13 0.47 0.21
CA GLY A 13 1.62 -0.90 0.15
C GLY A 13 3.10 -1.00 0.48
N ALA A 14 3.93 -0.02 0.08
CA ALA A 14 5.32 0.08 0.50
C ALA A 14 5.40 0.26 2.03
N ALA A 15 4.54 1.09 2.61
CA ALA A 15 4.39 1.21 4.06
C ALA A 15 3.56 0.10 4.70
N GLY A 16 3.33 -1.00 3.98
CA GLY A 16 2.36 -2.07 4.25
C GLY A 16 2.81 -3.00 5.38
N SER A 17 3.33 -2.37 6.43
CA SER A 17 4.00 -2.81 7.65
C SER A 17 3.09 -3.66 8.56
N THR A 18 2.45 -4.65 7.95
CA THR A 18 1.47 -5.55 8.51
C THR A 18 2.21 -6.57 9.38
N VAL A 19 1.99 -6.50 10.70
CA VAL A 19 2.58 -7.38 11.72
C VAL A 19 2.57 -8.86 11.29
N GLY A 20 1.42 -9.35 10.80
CA GLY A 20 1.30 -10.66 10.18
C GLY A 20 1.41 -10.54 8.66
N ALA A 21 1.99 -11.55 7.99
CA ALA A 21 2.11 -11.63 6.55
C ALA A 21 0.76 -11.92 5.89
N ALA A 22 -0.15 -10.93 5.92
CA ALA A 22 -1.50 -11.03 5.38
C ALA A 22 -1.50 -11.29 3.86
N SER A 23 -0.45 -10.83 3.17
CA SER A 23 -0.17 -11.09 1.77
C SER A 23 0.13 -12.56 1.45
N GLY A 24 0.46 -13.38 2.45
CA GLY A 24 1.48 -14.39 2.29
C GLY A 24 2.87 -13.76 2.39
N ALA A 1 -5.86 3.44 -10.28
CA ALA A 1 -4.41 3.60 -10.06
C ALA A 1 -4.04 5.08 -10.25
N VAL A 2 -2.79 5.39 -10.59
CA VAL A 2 -2.27 6.65 -11.11
C VAL A 2 -2.29 7.79 -10.09
N GLY A 3 -3.47 8.27 -9.68
CA GLY A 3 -3.63 9.22 -8.61
C GLY A 3 -3.63 8.49 -7.27
N ILE A 4 -4.79 8.51 -6.62
CA ILE A 4 -4.98 7.95 -5.28
C ILE A 4 -4.62 6.45 -5.26
N GLY A 5 -4.87 5.74 -6.35
CA GLY A 5 -4.59 4.31 -6.44
C GLY A 5 -3.10 4.03 -6.51
N ALA A 6 -2.29 4.97 -7.01
CA ALA A 6 -0.85 4.86 -6.93
C ALA A 6 -0.38 5.00 -5.49
N LEU A 7 -1.04 5.82 -4.66
CA LEU A 7 -0.77 5.86 -3.23
C LEU A 7 -1.19 4.56 -2.58
N PHE A 8 -2.32 4.02 -3.01
CA PHE A 8 -2.97 2.88 -2.37
C PHE A 8 -2.15 1.61 -2.50
N LEU A 9 -1.73 1.33 -3.74
CA LEU A 9 -0.84 0.23 -4.04
C LEU A 9 0.56 0.60 -3.57
N GLY A 10 0.90 1.87 -3.72
CA GLY A 10 2.30 2.28 -3.70
C GLY A 10 2.74 2.81 -2.35
N PHE A 11 2.29 4.01 -2.00
CA PHE A 11 2.63 4.70 -0.75
C PHE A 11 2.23 3.87 0.47
N LEU A 12 0.99 3.38 0.49
CA LEU A 12 0.44 2.47 1.50
C LEU A 12 1.13 1.11 1.39
N GLY A 13 1.27 0.54 0.19
CA GLY A 13 1.83 -0.81 0.06
C GLY A 13 3.32 -0.88 0.41
N ALA A 14 4.07 0.24 0.28
CA ALA A 14 5.43 0.34 0.80
C ALA A 14 5.44 0.18 2.33
N ALA A 15 4.43 0.71 3.03
CA ALA A 15 4.19 0.44 4.45
C ALA A 15 3.49 -0.88 4.72
N GLY A 16 3.46 -1.80 3.75
CA GLY A 16 2.67 -3.02 3.80
C GLY A 16 3.26 -4.07 4.74
N SER A 17 4.08 -3.65 5.71
CA SER A 17 4.33 -4.38 6.95
C SER A 17 3.28 -4.04 8.03
N THR A 18 2.35 -3.09 7.77
CA THR A 18 1.31 -2.71 8.71
C THR A 18 0.30 -3.86 8.86
N VAL A 19 -0.36 -4.27 7.77
CA VAL A 19 -0.84 -5.64 7.59
C VAL A 19 0.22 -6.65 8.03
N GLY A 20 -0.14 -7.63 8.85
CA GLY A 20 0.68 -8.82 9.07
C GLY A 20 0.54 -9.69 7.82
N ALA A 21 1.62 -9.85 7.05
CA ALA A 21 1.65 -10.45 5.73
C ALA A 21 2.84 -11.42 5.60
N ALA A 22 3.05 -11.97 4.39
CA ALA A 22 4.17 -12.88 4.12
C ALA A 22 5.53 -12.20 4.36
N SER A 23 5.60 -10.87 4.18
CA SER A 23 6.78 -10.07 4.46
C SER A 23 7.06 -9.87 5.96
N GLY A 24 6.12 -10.20 6.85
CA GLY A 24 6.15 -9.85 8.26
C GLY A 24 4.74 -9.50 8.71
N ALA A 1 -3.01 1.87 -11.81
CA ALA A 1 -2.95 2.79 -10.65
C ALA A 1 -2.30 4.10 -11.11
N VAL A 2 -2.86 5.26 -10.75
CA VAL A 2 -2.42 6.56 -11.28
C VAL A 2 -2.35 7.63 -10.18
N GLY A 3 -3.48 8.16 -9.71
CA GLY A 3 -3.59 9.15 -8.66
C GLY A 3 -3.53 8.50 -7.29
N ILE A 4 -4.66 8.60 -6.58
CA ILE A 4 -4.82 8.08 -5.21
C ILE A 4 -4.53 6.57 -5.18
N GLY A 5 -4.87 5.86 -6.27
CA GLY A 5 -4.64 4.43 -6.39
C GLY A 5 -3.16 4.09 -6.43
N ALA A 6 -2.33 4.98 -6.97
CA ALA A 6 -0.88 4.83 -6.94
C ALA A 6 -0.36 5.00 -5.51
N LEU A 7 -0.98 5.84 -4.68
CA LEU A 7 -0.67 5.88 -3.25
C LEU A 7 -1.12 4.58 -2.60
N PHE A 8 -2.29 4.10 -2.99
CA PHE A 8 -2.96 2.98 -2.33
C PHE A 8 -2.18 1.68 -2.48
N LEU A 9 -1.80 1.39 -3.72
CA LEU A 9 -0.96 0.27 -4.05
C LEU A 9 0.46 0.59 -3.56
N GLY A 10 0.85 1.85 -3.76
CA GLY A 10 2.27 2.19 -3.81
C GLY A 10 2.78 2.71 -2.47
N PHE A 11 2.37 3.91 -2.10
CA PHE A 11 2.76 4.58 -0.87
C PHE A 11 2.35 3.77 0.37
N LEU A 12 1.08 3.34 0.41
CA LEU A 12 0.51 2.49 1.43
C LEU A 12 1.12 1.09 1.35
N GLY A 13 1.27 0.50 0.16
CA GLY A 13 1.81 -0.86 0.06
C GLY A 13 3.30 -0.92 0.43
N ALA A 14 4.08 0.13 0.15
CA ALA A 14 5.45 0.24 0.64
C ALA A 14 5.48 0.26 2.17
N ALA A 15 4.55 0.98 2.80
CA ALA A 15 4.32 0.94 4.24
C ALA A 15 3.50 -0.26 4.71
N GLY A 16 3.35 -1.29 3.87
CA GLY A 16 2.44 -2.41 4.09
C GLY A 16 2.98 -3.39 5.14
N SER A 17 3.78 -2.91 6.08
CA SER A 17 4.46 -3.70 7.11
C SER A 17 3.49 -4.36 8.10
N THR A 18 2.25 -3.85 8.19
CA THR A 18 1.21 -4.30 9.11
C THR A 18 0.36 -5.41 8.46
N VAL A 19 -0.35 -5.06 7.38
CA VAL A 19 -1.19 -5.92 6.56
C VAL A 19 -0.55 -7.28 6.27
N GLY A 20 -1.39 -8.31 6.07
CA GLY A 20 -0.99 -9.63 5.59
C GLY A 20 -0.66 -9.65 4.10
N ALA A 21 -0.06 -8.57 3.59
CA ALA A 21 0.33 -8.34 2.21
C ALA A 21 1.70 -7.65 2.14
N ALA A 22 2.51 -7.74 3.22
CA ALA A 22 3.82 -7.09 3.32
C ALA A 22 4.80 -7.59 2.24
N SER A 23 4.64 -8.84 1.78
CA SER A 23 5.38 -9.42 0.68
C SER A 23 4.86 -8.98 -0.70
N GLY A 24 3.72 -8.30 -0.76
CA GLY A 24 2.70 -8.54 -1.77
C GLY A 24 1.60 -9.39 -1.13
N ALA A 1 -3.69 2.18 -11.77
CA ALA A 1 -3.37 3.02 -10.60
C ALA A 1 -2.64 4.26 -11.09
N VAL A 2 -3.08 5.47 -10.70
CA VAL A 2 -2.53 6.73 -11.24
C VAL A 2 -2.40 7.79 -10.13
N GLY A 3 -3.52 8.32 -9.63
CA GLY A 3 -3.58 9.28 -8.54
C GLY A 3 -3.53 8.57 -7.19
N ILE A 4 -4.66 8.64 -6.47
CA ILE A 4 -4.82 8.07 -5.14
C ILE A 4 -4.55 6.56 -5.17
N GLY A 5 -4.88 5.89 -6.27
CA GLY A 5 -4.67 4.46 -6.46
C GLY A 5 -3.18 4.12 -6.51
N ALA A 6 -2.34 5.03 -7.05
CA ALA A 6 -0.90 4.87 -7.02
C ALA A 6 -0.36 5.00 -5.60
N LEU A 7 -0.97 5.81 -4.72
CA LEU A 7 -0.65 5.82 -3.30
C LEU A 7 -1.09 4.51 -2.68
N PHE A 8 -2.24 4.01 -3.09
CA PHE A 8 -2.87 2.83 -2.50
C PHE A 8 -2.03 1.56 -2.69
N LEU A 9 -1.64 1.35 -3.94
CA LEU A 9 -0.76 0.27 -4.33
C LEU A 9 0.64 0.57 -3.82
N GLY A 10 0.99 1.85 -3.86
CA GLY A 10 2.39 2.27 -3.83
C GLY A 10 2.83 2.74 -2.45
N PHE A 11 2.35 3.91 -2.04
CA PHE A 11 2.68 4.54 -0.76
C PHE A 11 2.24 3.67 0.42
N LEU A 12 0.98 3.21 0.39
CA LEU A 12 0.39 2.27 1.34
C LEU A 12 1.05 0.90 1.21
N GLY A 13 1.30 0.41 -0.02
CA GLY A 13 1.92 -0.91 -0.17
C GLY A 13 3.37 -0.94 0.32
N ALA A 14 4.13 0.16 0.14
CA ALA A 14 5.45 0.32 0.74
C ALA A 14 5.37 0.30 2.27
N ALA A 15 4.37 0.97 2.85
CA ALA A 15 4.05 0.89 4.27
C ALA A 15 3.28 -0.38 4.67
N GLY A 16 3.25 -1.39 3.81
CA GLY A 16 2.40 -2.57 3.93
C GLY A 16 2.90 -3.55 5.00
N SER A 17 3.57 -3.02 6.03
CA SER A 17 4.33 -3.79 7.00
C SER A 17 3.40 -4.52 7.98
N THR A 18 2.68 -3.77 8.83
CA THR A 18 1.76 -4.32 9.84
C THR A 18 0.34 -4.46 9.28
N VAL A 19 -0.17 -3.41 8.62
CA VAL A 19 -1.44 -3.40 7.87
C VAL A 19 -1.62 -4.65 7.00
N GLY A 20 -2.88 -5.04 6.76
CA GLY A 20 -3.25 -6.17 5.91
C GLY A 20 -3.09 -5.84 4.42
N ALA A 21 -1.88 -5.46 4.00
CA ALA A 21 -1.53 -5.24 2.61
C ALA A 21 -1.59 -6.57 1.86
N ALA A 22 -2.58 -6.73 0.98
CA ALA A 22 -2.86 -7.98 0.27
C ALA A 22 -1.68 -8.41 -0.62
N SER A 23 -0.88 -7.45 -1.10
CA SER A 23 0.34 -7.67 -1.86
C SER A 23 1.49 -8.33 -1.05
N GLY A 24 1.36 -8.46 0.28
CA GLY A 24 2.38 -9.04 1.14
C GLY A 24 2.15 -10.54 1.31
N ALA A 1 -7.28 4.42 -9.41
CA ALA A 1 -6.30 4.39 -10.51
C ALA A 1 -5.08 5.25 -10.18
N VAL A 2 -4.16 5.41 -11.13
CA VAL A 2 -2.78 5.94 -11.17
C VAL A 2 -2.48 7.20 -10.33
N GLY A 3 -3.50 7.92 -9.90
CA GLY A 3 -3.42 8.93 -8.87
C GLY A 3 -3.49 8.29 -7.49
N ILE A 4 -4.66 8.38 -6.85
CA ILE A 4 -4.89 7.92 -5.49
C ILE A 4 -4.54 6.44 -5.33
N GLY A 5 -4.83 5.62 -6.35
CA GLY A 5 -4.58 4.19 -6.27
C GLY A 5 -3.08 3.88 -6.28
N ALA A 6 -2.29 4.72 -6.96
CA ALA A 6 -0.84 4.60 -6.97
C ALA A 6 -0.26 4.95 -5.59
N LEU A 7 -0.89 5.86 -4.82
CA LEU A 7 -0.54 6.06 -3.43
C LEU A 7 -0.94 4.83 -2.62
N PHE A 8 -2.11 4.29 -2.90
CA PHE A 8 -2.73 3.28 -2.06
C PHE A 8 -1.95 1.97 -2.08
N LEU A 9 -1.64 1.50 -3.29
CA LEU A 9 -0.83 0.30 -3.46
C LEU A 9 0.64 0.64 -3.36
N GLY A 10 0.99 1.92 -3.54
CA GLY A 10 2.38 2.33 -3.65
C GLY A 10 2.90 2.96 -2.37
N PHE A 11 2.59 4.23 -2.17
CA PHE A 11 3.03 5.05 -1.04
C PHE A 11 2.66 4.42 0.30
N LEU A 12 1.39 4.00 0.44
CA LEU A 12 0.86 3.25 1.58
C LEU A 12 1.34 1.81 1.52
N GLY A 13 1.25 1.14 0.36
CA GLY A 13 1.49 -0.30 0.29
C GLY A 13 2.95 -0.66 0.54
N ALA A 14 3.90 0.25 0.29
CA ALA A 14 5.29 0.11 0.71
C ALA A 14 5.39 0.04 2.23
N ALA A 15 4.60 0.85 2.96
CA ALA A 15 4.41 0.75 4.41
C ALA A 15 3.42 -0.33 4.83
N GLY A 16 3.07 -1.26 3.94
CA GLY A 16 2.10 -2.31 4.16
C GLY A 16 2.66 -3.42 5.04
N SER A 17 3.54 -3.08 5.99
CA SER A 17 4.34 -4.02 6.78
C SER A 17 3.46 -4.93 7.65
N THR A 18 2.28 -4.44 8.06
CA THR A 18 1.28 -5.16 8.84
C THR A 18 0.40 -6.04 7.92
N VAL A 19 1.05 -6.80 7.02
CA VAL A 19 0.44 -7.83 6.18
C VAL A 19 -0.55 -8.71 6.96
N GLY A 20 -1.61 -9.16 6.28
CA GLY A 20 -2.60 -10.09 6.82
C GLY A 20 -2.18 -11.53 6.57
N ALA A 21 -1.96 -11.88 5.31
CA ALA A 21 -1.57 -13.21 4.84
C ALA A 21 -0.67 -13.06 3.61
N ALA A 22 -0.36 -14.18 2.94
CA ALA A 22 0.41 -14.18 1.70
C ALA A 22 -0.30 -13.39 0.60
N SER A 23 -1.63 -13.33 0.64
CA SER A 23 -2.48 -12.53 -0.24
C SER A 23 -2.29 -11.01 -0.07
N GLY A 24 -1.66 -10.56 1.02
CA GLY A 24 -1.68 -9.18 1.48
C GLY A 24 -2.03 -9.17 2.97
N ALA A 1 -5.88 3.01 -10.48
CA ALA A 1 -5.87 4.44 -10.83
C ALA A 1 -4.49 5.02 -10.56
N VAL A 2 -4.04 5.98 -11.38
CA VAL A 2 -2.65 6.46 -11.41
C VAL A 2 -2.40 7.58 -10.39
N GLY A 3 -3.46 8.22 -9.91
CA GLY A 3 -3.45 9.23 -8.86
C GLY A 3 -3.46 8.56 -7.49
N ILE A 4 -4.60 8.66 -6.80
CA ILE A 4 -4.79 8.16 -5.44
C ILE A 4 -4.52 6.65 -5.38
N GLY A 5 -4.86 5.92 -6.46
CA GLY A 5 -4.66 4.48 -6.50
C GLY A 5 -3.17 4.11 -6.50
N ALA A 6 -2.33 4.96 -7.11
CA ALA A 6 -0.89 4.79 -7.10
C ALA A 6 -0.32 5.02 -5.70
N LEU A 7 -0.94 5.88 -4.88
CA LEU A 7 -0.62 5.97 -3.45
C LEU A 7 -1.07 4.70 -2.76
N PHE A 8 -2.25 4.20 -3.12
CA PHE A 8 -2.90 3.12 -2.40
C PHE A 8 -2.13 1.80 -2.53
N LEU A 9 -1.78 1.45 -3.77
CA LEU A 9 -0.96 0.27 -4.03
C LEU A 9 0.50 0.58 -3.75
N GLY A 10 0.86 1.87 -3.82
CA GLY A 10 2.27 2.29 -3.84
C GLY A 10 2.74 2.80 -2.49
N PHE A 11 2.39 4.04 -2.18
CA PHE A 11 2.78 4.76 -0.97
C PHE A 11 2.33 4.01 0.30
N LEU A 12 1.07 3.58 0.34
CA LEU A 12 0.47 2.76 1.39
C LEU A 12 1.05 1.35 1.34
N GLY A 13 1.21 0.75 0.16
CA GLY A 13 1.70 -0.61 0.05
C GLY A 13 3.17 -0.72 0.46
N ALA A 14 3.97 0.34 0.31
CA ALA A 14 5.32 0.43 0.84
C ALA A 14 5.32 0.43 2.38
N ALA A 15 4.25 0.88 3.03
CA ALA A 15 4.02 0.73 4.46
C ALA A 15 3.50 -0.65 4.86
N GLY A 16 3.60 -1.64 3.96
CA GLY A 16 2.95 -2.95 4.01
C GLY A 16 3.63 -3.85 5.03
N SER A 17 3.64 -3.35 6.26
CA SER A 17 4.31 -3.82 7.45
C SER A 17 3.43 -4.85 8.17
N THR A 18 2.72 -4.45 9.23
CA THR A 18 1.81 -5.31 9.98
C THR A 18 0.37 -5.27 9.44
N VAL A 19 0.01 -4.24 8.66
CA VAL A 19 -1.22 -4.19 7.86
C VAL A 19 -1.50 -5.50 7.11
N GLY A 20 -2.77 -5.75 6.80
CA GLY A 20 -3.17 -6.82 5.89
C GLY A 20 -2.87 -6.43 4.44
N ALA A 21 -1.59 -6.37 4.09
CA ALA A 21 -1.12 -6.05 2.74
C ALA A 21 -1.70 -7.05 1.74
N ALA A 22 -2.38 -6.55 0.70
CA ALA A 22 -3.09 -7.37 -0.28
C ALA A 22 -2.15 -8.31 -1.06
N SER A 23 -0.90 -7.92 -1.23
CA SER A 23 0.17 -8.71 -1.83
C SER A 23 0.66 -9.87 -0.94
N GLY A 24 0.33 -9.86 0.35
CA GLY A 24 1.29 -10.27 1.37
C GLY A 24 2.47 -9.30 1.39
N ALA A 1 -3.23 1.98 -11.99
CA ALA A 1 -3.14 2.90 -10.85
C ALA A 1 -2.44 4.17 -11.32
N VAL A 2 -2.93 5.36 -10.95
CA VAL A 2 -2.44 6.64 -11.51
C VAL A 2 -2.29 7.70 -10.42
N GLY A 3 -3.40 8.29 -9.95
CA GLY A 3 -3.43 9.29 -8.90
C GLY A 3 -3.40 8.65 -7.52
N ILE A 4 -4.52 8.80 -6.81
CA ILE A 4 -4.70 8.31 -5.44
C ILE A 4 -4.47 6.79 -5.39
N GLY A 5 -4.85 6.07 -6.46
CA GLY A 5 -4.69 4.63 -6.56
C GLY A 5 -3.21 4.22 -6.60
N ALA A 6 -2.35 5.07 -7.18
CA ALA A 6 -0.91 4.85 -7.16
C ALA A 6 -0.36 5.02 -5.74
N LEU A 7 -0.94 5.91 -4.92
CA LEU A 7 -0.61 5.98 -3.51
C LEU A 7 -1.11 4.73 -2.81
N PHE A 8 -2.30 4.27 -3.17
CA PHE A 8 -2.99 3.20 -2.48
C PHE A 8 -2.25 1.86 -2.62
N LEU A 9 -1.90 1.53 -3.86
CA LEU A 9 -1.10 0.37 -4.17
C LEU A 9 0.32 0.63 -3.71
N GLY A 10 0.76 1.88 -3.86
CA GLY A 10 2.18 2.19 -3.88
C GLY A 10 2.68 2.71 -2.54
N PHE A 11 2.32 3.95 -2.22
CA PHE A 11 2.72 4.65 -1.00
C PHE A 11 2.25 3.90 0.26
N LEU A 12 0.97 3.51 0.29
CA LEU A 12 0.35 2.68 1.31
C LEU A 12 0.90 1.26 1.26
N GLY A 13 1.08 0.67 0.06
CA GLY A 13 1.57 -0.71 -0.01
C GLY A 13 3.03 -0.83 0.44
N ALA A 14 3.85 0.19 0.22
CA ALA A 14 5.20 0.28 0.79
C ALA A 14 5.15 0.33 2.33
N ALA A 15 4.12 0.94 2.91
CA ALA A 15 3.82 0.90 4.34
C ALA A 15 3.12 -0.38 4.79
N GLY A 16 3.13 -1.44 3.97
CA GLY A 16 2.45 -2.69 4.22
C GLY A 16 3.21 -3.51 5.27
N SER A 17 3.39 -2.91 6.45
CA SER A 17 3.97 -3.55 7.62
C SER A 17 3.07 -4.70 8.10
N THR A 18 3.64 -5.56 8.95
CA THR A 18 2.83 -6.31 9.91
C THR A 18 2.27 -5.31 10.92
N VAL A 19 1.09 -5.60 11.47
CA VAL A 19 0.76 -5.24 12.84
C VAL A 19 1.95 -5.56 13.77
N GLY A 20 2.23 -4.70 14.75
CA GLY A 20 3.23 -4.95 15.77
C GLY A 20 2.68 -5.95 16.78
N ALA A 21 3.13 -7.20 16.71
CA ALA A 21 2.84 -8.22 17.71
C ALA A 21 3.85 -8.11 18.87
N ALA A 22 3.74 -8.99 19.86
CA ALA A 22 4.69 -9.05 20.98
C ALA A 22 6.11 -9.36 20.49
N SER A 23 6.25 -10.08 19.37
CA SER A 23 7.52 -10.37 18.72
C SER A 23 8.11 -9.17 17.96
N GLY A 24 7.34 -8.10 17.75
CA GLY A 24 7.65 -7.02 16.82
C GLY A 24 6.51 -6.85 15.81
N ALA A 1 -2.69 1.50 -10.81
CA ALA A 1 -3.56 2.69 -10.67
C ALA A 1 -2.68 3.95 -10.63
N VAL A 2 -3.27 5.15 -10.73
CA VAL A 2 -2.53 6.38 -11.07
C VAL A 2 -2.68 7.47 -10.01
N GLY A 3 -3.89 7.80 -9.55
CA GLY A 3 -4.12 8.81 -8.53
C GLY A 3 -3.93 8.21 -7.14
N ILE A 4 -5.03 8.18 -6.39
CA ILE A 4 -5.06 7.70 -5.00
C ILE A 4 -4.64 6.23 -4.95
N GLY A 5 -4.93 5.46 -6.00
CA GLY A 5 -4.57 4.05 -6.09
C GLY A 5 -3.06 3.86 -6.23
N ALA A 6 -2.34 4.81 -6.83
CA ALA A 6 -0.88 4.79 -6.86
C ALA A 6 -0.32 5.01 -5.45
N LEU A 7 -0.99 5.81 -4.60
CA LEU A 7 -0.64 5.93 -3.19
C LEU A 7 -0.95 4.61 -2.50
N PHE A 8 -2.06 4.00 -2.84
CA PHE A 8 -2.58 2.83 -2.13
C PHE A 8 -1.67 1.62 -2.31
N LEU A 9 -1.32 1.33 -3.55
CA LEU A 9 -0.40 0.23 -3.85
C LEU A 9 1.04 0.68 -3.61
N GLY A 10 1.26 2.00 -3.63
CA GLY A 10 2.61 2.56 -3.63
C GLY A 10 3.04 3.07 -2.27
N PHE A 11 2.58 4.27 -1.94
CA PHE A 11 2.88 5.01 -0.72
C PHE A 11 2.54 4.19 0.54
N LEU A 12 1.33 3.61 0.58
CA LEU A 12 0.86 2.69 1.61
C LEU A 12 1.52 1.32 1.42
N GLY A 13 1.61 0.79 0.19
CA GLY A 13 2.09 -0.57 -0.02
C GLY A 13 3.58 -0.73 0.28
N ALA A 14 4.38 0.35 0.22
CA ALA A 14 5.74 0.35 0.74
C ALA A 14 5.74 0.05 2.25
N ALA A 15 4.80 0.63 3.00
CA ALA A 15 4.49 0.29 4.38
C ALA A 15 3.61 -0.94 4.54
N GLY A 16 3.45 -1.78 3.51
CA GLY A 16 2.33 -2.72 3.37
C GLY A 16 2.45 -3.93 4.29
N SER A 17 3.30 -3.82 5.33
CA SER A 17 3.29 -4.67 6.50
C SER A 17 2.34 -4.18 7.60
N THR A 18 1.80 -2.95 7.52
CA THR A 18 0.85 -2.43 8.50
C THR A 18 -0.52 -3.09 8.28
N VAL A 19 -1.22 -2.77 7.17
CA VAL A 19 -2.10 -3.68 6.48
C VAL A 19 -1.44 -5.07 6.33
N GLY A 20 -2.25 -6.13 6.22
CA GLY A 20 -1.74 -7.45 5.84
C GLY A 20 -1.57 -7.51 4.32
N ALA A 21 -0.65 -6.71 3.75
CA ALA A 21 -0.41 -6.56 2.31
C ALA A 21 -1.68 -6.34 1.47
N ALA A 22 -2.74 -5.73 2.05
CA ALA A 22 -4.00 -5.46 1.36
C ALA A 22 -3.82 -4.52 0.17
N SER A 23 -2.81 -3.66 0.24
CA SER A 23 -2.31 -2.77 -0.81
C SER A 23 -1.53 -3.49 -1.92
N GLY A 24 -1.12 -4.75 -1.69
CA GLY A 24 0.20 -5.20 -2.10
C GLY A 24 1.15 -4.95 -0.94
N ALA A 1 -3.12 2.35 -9.91
CA ALA A 1 -3.52 3.42 -10.85
C ALA A 1 -2.47 4.53 -10.80
N VAL A 2 -2.84 5.81 -11.00
CA VAL A 2 -1.89 6.89 -11.29
C VAL A 2 -1.91 8.00 -10.22
N GLY A 3 -3.09 8.50 -9.81
CA GLY A 3 -3.20 9.48 -8.74
C GLY A 3 -3.20 8.78 -7.38
N ILE A 4 -4.32 8.91 -6.69
CA ILE A 4 -4.49 8.36 -5.34
C ILE A 4 -4.37 6.82 -5.38
N GLY A 5 -4.84 6.23 -6.47
CA GLY A 5 -4.76 4.81 -6.76
C GLY A 5 -3.34 4.33 -7.10
N ALA A 6 -2.39 5.22 -7.39
CA ALA A 6 -0.98 4.87 -7.28
C ALA A 6 -0.62 4.69 -5.81
N LEU A 7 -0.99 5.66 -4.97
CA LEU A 7 -0.62 5.69 -3.55
C LEU A 7 -1.18 4.47 -2.82
N PHE A 8 -2.38 4.06 -3.23
CA PHE A 8 -3.18 3.05 -2.54
C PHE A 8 -2.49 1.69 -2.54
N LEU A 9 -2.07 1.27 -3.74
CA LEU A 9 -1.30 0.03 -3.89
C LEU A 9 0.17 0.29 -3.62
N GLY A 10 0.59 1.55 -3.73
CA GLY A 10 1.99 1.92 -3.85
C GLY A 10 2.56 2.43 -2.53
N PHE A 11 2.23 3.67 -2.19
CA PHE A 11 2.70 4.36 -1.00
C PHE A 11 2.21 3.67 0.28
N LEU A 12 0.91 3.39 0.34
CA LEU A 12 0.24 2.66 1.42
C LEU A 12 0.74 1.22 1.46
N GLY A 13 0.85 0.56 0.30
CA GLY A 13 1.27 -0.83 0.24
C GLY A 13 2.75 -0.99 0.62
N ALA A 14 3.62 -0.05 0.25
CA ALA A 14 5.00 0.00 0.73
C ALA A 14 5.04 0.18 2.26
N ALA A 15 4.13 0.99 2.82
CA ALA A 15 3.93 1.11 4.26
C ALA A 15 3.11 -0.03 4.87
N GLY A 16 2.93 -1.13 4.14
CA GLY A 16 2.19 -2.32 4.58
C GLY A 16 2.99 -3.14 5.59
N SER A 17 3.64 -2.46 6.53
CA SER A 17 4.56 -2.98 7.54
C SER A 17 3.83 -3.83 8.60
N THR A 18 3.25 -4.96 8.16
CA THR A 18 2.60 -5.94 9.02
C THR A 18 3.62 -6.68 9.90
N VAL A 19 3.10 -7.43 10.87
CA VAL A 19 3.84 -8.33 11.75
C VAL A 19 4.88 -9.18 10.99
N GLY A 20 6.12 -9.18 11.46
CA GLY A 20 6.96 -10.37 11.43
C GLY A 20 6.80 -11.05 12.79
N ALA A 21 6.81 -12.39 12.85
CA ALA A 21 6.53 -13.13 14.08
C ALA A 21 7.52 -12.85 15.23
N ALA A 22 8.68 -12.25 14.95
CA ALA A 22 9.60 -11.77 15.97
C ALA A 22 9.05 -10.55 16.72
N SER A 23 8.21 -9.73 16.07
CA SER A 23 7.51 -8.61 16.69
C SER A 23 6.28 -9.08 17.49
N GLY A 24 5.52 -10.03 16.94
CA GLY A 24 4.25 -10.50 17.48
C GLY A 24 3.36 -10.92 16.33
N ALA A 1 -4.69 2.31 -11.89
CA ALA A 1 -4.13 3.14 -10.80
C ALA A 1 -3.32 4.26 -11.42
N VAL A 2 -3.47 5.50 -10.93
CA VAL A 2 -2.82 6.68 -11.51
C VAL A 2 -2.37 7.65 -10.40
N GLY A 3 -3.32 8.39 -9.82
CA GLY A 3 -3.14 9.31 -8.70
C GLY A 3 -3.20 8.57 -7.37
N ILE A 4 -4.28 8.82 -6.63
CA ILE A 4 -4.54 8.30 -5.30
C ILE A 4 -4.45 6.76 -5.28
N GLY A 5 -4.87 6.11 -6.36
CA GLY A 5 -4.86 4.65 -6.48
C GLY A 5 -3.43 4.11 -6.60
N ALA A 6 -2.52 4.90 -7.20
CA ALA A 6 -1.11 4.59 -7.21
C ALA A 6 -0.51 4.71 -5.79
N LEU A 7 -0.94 5.70 -4.99
CA LEU A 7 -0.53 5.81 -3.59
C LEU A 7 -1.03 4.60 -2.81
N PHE A 8 -2.26 4.18 -3.09
CA PHE A 8 -2.93 3.13 -2.33
C PHE A 8 -2.19 1.81 -2.42
N LEU A 9 -1.85 1.41 -3.66
CA LEU A 9 -1.13 0.16 -3.85
C LEU A 9 0.36 0.36 -3.61
N GLY A 10 0.81 1.61 -3.76
CA GLY A 10 2.22 1.96 -3.86
C GLY A 10 2.77 2.53 -2.57
N PHE A 11 2.45 3.80 -2.31
CA PHE A 11 2.92 4.56 -1.14
C PHE A 11 2.47 3.91 0.17
N LEU A 12 1.18 3.59 0.28
CA LEU A 12 0.56 2.88 1.39
C LEU A 12 1.06 1.43 1.43
N GLY A 13 1.16 0.77 0.28
CA GLY A 13 1.59 -0.63 0.23
C GLY A 13 3.06 -0.80 0.62
N ALA A 14 3.92 0.18 0.33
CA ALA A 14 5.29 0.23 0.83
C ALA A 14 5.31 0.35 2.36
N ALA A 15 4.37 1.11 2.93
CA ALA A 15 4.10 1.15 4.38
C ALA A 15 3.26 -0.02 4.89
N GLY A 16 3.14 -1.09 4.11
CA GLY A 16 2.31 -2.26 4.40
C GLY A 16 2.98 -3.14 5.46
N SER A 17 3.38 -2.52 6.57
CA SER A 17 4.04 -3.12 7.74
C SER A 17 3.12 -4.06 8.51
N THR A 18 2.64 -5.12 7.85
CA THR A 18 1.79 -6.16 8.42
C THR A 18 2.59 -6.99 9.44
N VAL A 19 2.62 -6.52 10.69
CA VAL A 19 3.09 -7.23 11.88
C VAL A 19 2.57 -8.68 11.93
N GLY A 20 3.31 -9.53 12.66
CA GLY A 20 2.81 -10.83 13.09
C GLY A 20 1.92 -10.69 14.33
N ALA A 21 1.44 -11.85 14.82
CA ALA A 21 0.55 -12.09 15.96
C ALA A 21 -0.89 -12.23 15.43
N ALA A 22 -1.32 -13.47 15.19
CA ALA A 22 -2.56 -13.78 14.48
C ALA A 22 -3.82 -13.26 15.18
N SER A 23 -3.79 -13.14 16.51
CA SER A 23 -4.87 -12.58 17.31
C SER A 23 -4.90 -11.04 17.28
N GLY A 24 -3.87 -10.39 16.75
CA GLY A 24 -3.33 -9.17 17.34
C GLY A 24 -2.44 -9.53 18.52
N ALA A 1 -6.63 4.26 -10.14
CA ALA A 1 -5.17 4.09 -10.24
C ALA A 1 -4.51 5.46 -10.42
N VAL A 2 -3.22 5.49 -10.82
CA VAL A 2 -2.45 6.63 -11.31
C VAL A 2 -2.22 7.76 -10.28
N GLY A 3 -3.28 8.42 -9.81
CA GLY A 3 -3.23 9.39 -8.73
C GLY A 3 -3.28 8.67 -7.39
N ILE A 4 -4.40 8.85 -6.68
CA ILE A 4 -4.59 8.32 -5.32
C ILE A 4 -4.42 6.79 -5.31
N GLY A 5 -4.80 6.10 -6.38
CA GLY A 5 -4.70 4.65 -6.46
C GLY A 5 -3.25 4.19 -6.58
N ALA A 6 -2.37 5.02 -7.16
CA ALA A 6 -0.95 4.74 -7.15
C ALA A 6 -0.37 4.87 -5.74
N LEU A 7 -0.89 5.79 -4.91
CA LEU A 7 -0.54 5.85 -3.49
C LEU A 7 -1.07 4.61 -2.78
N PHE A 8 -2.27 4.19 -3.13
CA PHE A 8 -2.98 3.13 -2.42
C PHE A 8 -2.27 1.77 -2.56
N LEU A 9 -1.94 1.44 -3.80
CA LEU A 9 -1.17 0.25 -4.12
C LEU A 9 0.27 0.49 -3.67
N GLY A 10 0.72 1.73 -3.83
CA GLY A 10 2.16 2.02 -3.88
C GLY A 10 2.70 2.53 -2.56
N PHE A 11 2.34 3.76 -2.20
CA PHE A 11 2.76 4.44 -0.97
C PHE A 11 2.28 3.68 0.28
N LEU A 12 0.99 3.34 0.31
CA LEU A 12 0.34 2.53 1.34
C LEU A 12 0.87 1.10 1.29
N GLY A 13 1.06 0.52 0.10
CA GLY A 13 1.57 -0.85 0.03
C GLY A 13 3.03 -0.96 0.48
N ALA A 14 3.86 0.05 0.19
CA ALA A 14 5.22 0.16 0.74
C ALA A 14 5.16 0.29 2.27
N ALA A 15 4.21 1.08 2.80
CA ALA A 15 3.88 1.16 4.21
C ALA A 15 3.11 -0.05 4.75
N GLY A 16 3.07 -1.16 4.02
CA GLY A 16 2.32 -2.37 4.35
C GLY A 16 2.99 -3.17 5.47
N SER A 17 3.47 -2.46 6.51
CA SER A 17 4.14 -3.00 7.68
C SER A 17 3.18 -3.84 8.53
N THR A 18 2.94 -5.08 8.12
CA THR A 18 2.20 -6.08 8.89
C THR A 18 2.99 -6.49 10.14
N VAL A 19 2.26 -7.04 11.13
CA VAL A 19 2.79 -7.83 12.24
C VAL A 19 3.85 -8.86 11.82
N GLY A 20 3.60 -9.53 10.70
CA GLY A 20 4.37 -10.65 10.20
C GLY A 20 5.57 -10.21 9.35
N ALA A 21 6.19 -11.18 8.68
CA ALA A 21 7.07 -10.91 7.55
C ALA A 21 6.21 -10.62 6.31
N ALA A 22 6.86 -10.23 5.22
CA ALA A 22 6.18 -10.08 3.92
C ALA A 22 5.58 -11.42 3.44
N SER A 23 6.18 -12.54 3.84
CA SER A 23 5.69 -13.88 3.55
C SER A 23 4.52 -14.32 4.46
N GLY A 24 4.18 -13.61 5.54
CA GLY A 24 3.24 -14.07 6.55
C GLY A 24 3.61 -13.55 7.92
N ALA A 1 -3.96 2.14 -9.42
CA ALA A 1 -4.30 3.13 -10.46
C ALA A 1 -3.14 4.12 -10.59
N VAL A 2 -3.39 5.39 -10.96
CA VAL A 2 -2.35 6.31 -11.42
C VAL A 2 -2.22 7.56 -10.51
N GLY A 3 -3.32 8.17 -10.08
CA GLY A 3 -3.30 9.28 -9.13
C GLY A 3 -3.23 8.74 -7.70
N ILE A 4 -4.29 9.01 -6.94
CA ILE A 4 -4.40 8.62 -5.53
C ILE A 4 -4.36 7.09 -5.40
N GLY A 5 -4.93 6.40 -6.39
CA GLY A 5 -4.92 4.95 -6.50
C GLY A 5 -3.56 4.36 -6.86
N ALA A 6 -2.58 5.15 -7.31
CA ALA A 6 -1.19 4.73 -7.27
C ALA A 6 -0.69 4.69 -5.83
N LEU A 7 -1.04 5.71 -5.02
CA LEU A 7 -0.59 5.81 -3.63
C LEU A 7 -1.13 4.64 -2.82
N PHE A 8 -2.36 4.25 -3.14
CA PHE A 8 -3.07 3.18 -2.43
C PHE A 8 -2.30 1.86 -2.49
N LEU A 9 -1.89 1.47 -3.69
CA LEU A 9 -1.15 0.22 -3.88
C LEU A 9 0.33 0.41 -3.61
N GLY A 10 0.80 1.65 -3.75
CA GLY A 10 2.20 2.00 -3.82
C GLY A 10 2.70 2.57 -2.50
N PHE A 11 2.39 3.85 -2.26
CA PHE A 11 2.83 4.62 -1.10
C PHE A 11 2.36 3.98 0.21
N LEU A 12 1.08 3.64 0.30
CA LEU A 12 0.46 2.92 1.40
C LEU A 12 0.99 1.48 1.46
N GLY A 13 1.07 0.80 0.32
CA GLY A 13 1.47 -0.61 0.30
C GLY A 13 2.93 -0.81 0.70
N ALA A 14 3.82 0.17 0.41
CA ALA A 14 5.18 0.19 0.92
C ALA A 14 5.21 0.27 2.46
N ALA A 15 4.28 1.02 3.06
CA ALA A 15 4.04 1.05 4.51
C ALA A 15 3.22 -0.13 5.02
N GLY A 16 3.07 -1.20 4.22
CA GLY A 16 2.27 -2.37 4.55
C GLY A 16 2.99 -3.26 5.58
N SER A 17 3.42 -2.64 6.68
CA SER A 17 4.10 -3.30 7.79
C SER A 17 3.18 -4.31 8.48
N THR A 18 3.26 -5.56 8.02
CA THR A 18 2.59 -6.71 8.61
C THR A 18 3.22 -6.99 9.98
N VAL A 19 2.39 -7.32 10.98
CA VAL A 19 2.80 -7.86 12.29
C VAL A 19 3.86 -8.96 12.11
N GLY A 20 3.65 -9.86 11.15
CA GLY A 20 4.68 -10.78 10.69
C GLY A 20 5.64 -10.00 9.79
N ALA A 21 6.80 -9.63 10.33
CA ALA A 21 7.88 -8.88 9.70
C ALA A 21 7.45 -7.49 9.22
N ALA A 22 7.42 -6.53 10.16
CA ALA A 22 7.00 -5.14 9.91
C ALA A 22 7.89 -4.42 8.90
N SER A 23 9.17 -4.80 8.81
CA SER A 23 10.14 -4.29 7.86
C SER A 23 9.97 -4.88 6.44
N GLY A 24 9.15 -5.92 6.28
CA GLY A 24 9.39 -6.94 5.26
C GLY A 24 10.37 -7.99 5.77
N ALA A 1 -3.60 2.06 -9.49
CA ALA A 1 -4.05 3.09 -10.45
C ALA A 1 -3.02 4.23 -10.47
N VAL A 2 -3.42 5.49 -10.67
CA VAL A 2 -2.52 6.57 -11.09
C VAL A 2 -2.43 7.72 -10.08
N GLY A 3 -3.56 8.24 -9.58
CA GLY A 3 -3.59 9.26 -8.55
C GLY A 3 -3.47 8.64 -7.17
N ILE A 4 -4.53 8.77 -6.38
CA ILE A 4 -4.62 8.24 -5.02
C ILE A 4 -4.45 6.71 -5.04
N GLY A 5 -4.96 6.08 -6.10
CA GLY A 5 -4.87 4.66 -6.37
C GLY A 5 -3.47 4.19 -6.78
N ALA A 6 -2.55 5.09 -7.16
CA ALA A 6 -1.13 4.78 -7.14
C ALA A 6 -0.64 4.65 -5.71
N LEU A 7 -1.02 5.58 -4.83
CA LEU A 7 -0.58 5.62 -3.44
C LEU A 7 -1.05 4.37 -2.72
N PHE A 8 -2.23 3.89 -3.08
CA PHE A 8 -2.84 2.70 -2.47
C PHE A 8 -1.95 1.47 -2.62
N LEU A 9 -1.50 1.21 -3.85
CA LEU A 9 -0.66 0.05 -4.11
C LEU A 9 0.80 0.35 -3.79
N GLY A 10 1.15 1.65 -3.83
CA GLY A 10 2.51 2.12 -3.85
C GLY A 10 2.95 2.63 -2.48
N PHE A 11 2.46 3.80 -2.09
CA PHE A 11 2.84 4.50 -0.88
C PHE A 11 2.39 3.73 0.38
N LEU A 12 1.12 3.32 0.39
CA LEU A 12 0.50 2.49 1.41
C LEU A 12 1.11 1.09 1.38
N GLY A 13 1.33 0.53 0.18
CA GLY A 13 1.87 -0.82 0.03
C GLY A 13 3.32 -0.90 0.49
N ALA A 14 4.14 0.12 0.21
CA ALA A 14 5.50 0.22 0.75
C ALA A 14 5.47 0.30 2.28
N ALA A 15 4.55 1.08 2.86
CA ALA A 15 4.29 1.08 4.29
C ALA A 15 3.41 -0.08 4.78
N GLY A 16 3.24 -1.11 3.97
CA GLY A 16 2.27 -2.18 4.20
C GLY A 16 2.73 -3.14 5.30
N SER A 17 3.58 -2.67 6.22
CA SER A 17 4.35 -3.51 7.13
C SER A 17 3.47 -4.32 8.10
N THR A 18 2.25 -3.87 8.37
CA THR A 18 1.23 -4.64 9.08
C THR A 18 0.36 -5.45 8.11
N VAL A 19 -0.11 -4.84 7.01
CA VAL A 19 -0.84 -5.46 5.91
C VAL A 19 -0.22 -6.81 5.46
N GLY A 20 1.07 -6.78 5.12
CA GLY A 20 1.79 -7.84 4.46
C GLY A 20 2.54 -8.77 5.42
N ALA A 21 3.30 -9.70 4.84
CA ALA A 21 4.22 -10.59 5.52
C ALA A 21 5.17 -11.22 4.50
N ALA A 22 4.78 -12.34 3.87
CA ALA A 22 5.68 -13.19 3.10
C ALA A 22 6.14 -12.57 1.78
N SER A 23 5.28 -11.76 1.15
CA SER A 23 5.61 -10.98 -0.05
C SER A 23 6.42 -9.71 0.27
N GLY A 24 6.54 -9.37 1.56
CA GLY A 24 6.43 -8.01 2.02
C GLY A 24 5.04 -7.87 2.65
N ALA A 1 -5.81 3.43 -10.37
CA ALA A 1 -4.39 3.58 -9.99
C ALA A 1 -3.98 5.04 -10.26
N VAL A 2 -2.72 5.26 -10.68
CA VAL A 2 -2.18 6.48 -11.29
C VAL A 2 -2.08 7.64 -10.30
N GLY A 3 -3.21 8.25 -9.92
CA GLY A 3 -3.28 9.25 -8.89
C GLY A 3 -3.37 8.58 -7.52
N ILE A 4 -4.52 8.74 -6.88
CA ILE A 4 -4.79 8.24 -5.53
C ILE A 4 -4.54 6.73 -5.43
N GLY A 5 -4.85 5.98 -6.50
CA GLY A 5 -4.71 4.53 -6.49
C GLY A 5 -3.24 4.11 -6.50
N ALA A 6 -2.36 4.94 -7.09
CA ALA A 6 -0.92 4.71 -7.00
C ALA A 6 -0.41 4.92 -5.58
N LEU A 7 -1.00 5.85 -4.81
CA LEU A 7 -0.69 5.98 -3.39
C LEU A 7 -1.19 4.76 -2.66
N PHE A 8 -2.39 4.31 -2.99
CA PHE A 8 -3.05 3.24 -2.23
C PHE A 8 -2.31 1.92 -2.37
N LEU A 9 -2.00 1.53 -3.62
CA LEU A 9 -1.29 0.28 -3.85
C LEU A 9 0.21 0.48 -3.63
N GLY A 10 0.66 1.73 -3.76
CA GLY A 10 2.09 2.04 -3.83
C GLY A 10 2.61 2.59 -2.52
N PHE A 11 2.31 3.86 -2.25
CA PHE A 11 2.80 4.59 -1.09
C PHE A 11 2.38 3.91 0.24
N LEU A 12 1.09 3.60 0.35
CA LEU A 12 0.49 2.85 1.45
C LEU A 12 0.98 1.41 1.45
N GLY A 13 1.03 0.76 0.27
CA GLY A 13 1.40 -0.65 0.20
C GLY A 13 2.88 -0.87 0.55
N ALA A 14 3.77 0.08 0.22
CA ALA A 14 5.15 0.08 0.67
C ALA A 14 5.24 0.17 2.19
N ALA A 15 4.36 0.96 2.83
CA ALA A 15 4.21 0.99 4.28
C ALA A 15 3.38 -0.17 4.83
N GLY A 16 3.16 -1.22 4.04
CA GLY A 16 2.38 -2.40 4.40
C GLY A 16 3.16 -3.30 5.35
N SER A 17 3.84 -2.71 6.35
CA SER A 17 4.56 -3.41 7.42
C SER A 17 3.59 -4.06 8.41
N THR A 18 2.68 -4.90 7.91
CA THR A 18 1.65 -5.58 8.69
C THR A 18 2.26 -6.74 9.50
N VAL A 19 2.00 -6.75 10.81
CA VAL A 19 1.96 -7.98 11.62
C VAL A 19 1.22 -9.14 10.94
N GLY A 20 -0.08 -8.95 10.67
CA GLY A 20 -1.01 -9.99 10.23
C GLY A 20 -1.18 -10.05 8.71
N ALA A 21 -1.76 -11.16 8.23
CA ALA A 21 -2.20 -11.35 6.84
C ALA A 21 -1.08 -11.17 5.78
N ALA A 22 0.19 -11.32 6.17
CA ALA A 22 1.33 -11.16 5.26
C ALA A 22 1.32 -12.18 4.10
N SER A 23 0.73 -13.36 4.32
CA SER A 23 0.48 -14.39 3.31
C SER A 23 -0.75 -14.09 2.43
N GLY A 24 -1.55 -13.08 2.80
CA GLY A 24 -3.00 -13.17 2.73
C GLY A 24 -3.51 -13.56 4.12
N ALA A 1 -2.92 2.16 -9.56
CA ALA A 1 -3.45 3.12 -10.55
C ALA A 1 -2.53 4.35 -10.59
N VAL A 2 -3.07 5.58 -10.72
CA VAL A 2 -2.32 6.77 -11.12
C VAL A 2 -2.26 7.87 -10.05
N GLY A 3 -3.42 8.38 -9.61
CA GLY A 3 -3.52 9.35 -8.53
C GLY A 3 -3.49 8.67 -7.18
N ILE A 4 -4.63 8.75 -6.48
CA ILE A 4 -4.81 8.17 -5.15
C ILE A 4 -4.56 6.65 -5.19
N GLY A 5 -4.98 6.02 -6.28
CA GLY A 5 -4.81 4.60 -6.54
C GLY A 5 -3.37 4.21 -6.85
N ALA A 6 -2.47 5.15 -7.19
CA ALA A 6 -1.04 4.89 -7.12
C ALA A 6 -0.61 4.76 -5.66
N LEU A 7 -1.09 5.64 -4.78
CA LEU A 7 -0.72 5.65 -3.37
C LEU A 7 -1.16 4.36 -2.71
N PHE A 8 -2.31 3.83 -3.13
CA PHE A 8 -2.88 2.62 -2.55
C PHE A 8 -1.94 1.43 -2.70
N LEU A 9 -1.44 1.22 -3.92
CA LEU A 9 -0.53 0.11 -4.19
C LEU A 9 0.91 0.47 -3.85
N GLY A 10 1.17 1.78 -3.79
CA GLY A 10 2.51 2.34 -3.73
C GLY A 10 2.87 2.78 -2.32
N PHE A 11 2.33 3.92 -1.91
CA PHE A 11 2.61 4.60 -0.66
C PHE A 11 2.14 3.75 0.55
N LEU A 12 0.90 3.26 0.48
CA LEU A 12 0.29 2.35 1.44
C LEU A 12 0.96 0.97 1.33
N GLY A 13 1.19 0.47 0.11
CA GLY A 13 1.72 -0.87 -0.09
C GLY A 13 3.17 -0.98 0.38
N ALA A 14 3.99 0.06 0.21
CA ALA A 14 5.33 0.13 0.78
C ALA A 14 5.27 0.08 2.31
N ALA A 15 4.29 0.77 2.92
CA ALA A 15 4.01 0.68 4.36
C ALA A 15 3.20 -0.55 4.75
N GLY A 16 3.10 -1.55 3.88
CA GLY A 16 2.35 -2.77 4.07
C GLY A 16 3.05 -3.74 5.03
N SER A 17 3.90 -3.20 5.91
CA SER A 17 4.61 -3.94 6.94
C SER A 17 3.64 -4.33 8.06
N THR A 18 2.84 -3.37 8.53
CA THR A 18 1.78 -3.58 9.52
C THR A 18 0.47 -3.91 8.79
N VAL A 19 -0.20 -2.87 8.29
CA VAL A 19 -1.39 -2.92 7.45
C VAL A 19 -1.29 -3.99 6.36
N GLY A 20 -2.18 -4.98 6.41
CA GLY A 20 -2.29 -6.03 5.41
C GLY A 20 -2.93 -5.47 4.14
N ALA A 21 -2.11 -4.91 3.23
CA ALA A 21 -2.51 -4.28 1.98
C ALA A 21 -3.07 -5.30 0.95
N ALA A 22 -4.16 -5.99 1.31
CA ALA A 22 -4.74 -7.12 0.60
C ALA A 22 -5.20 -6.78 -0.82
N SER A 23 -5.56 -5.51 -1.07
CA SER A 23 -5.91 -4.99 -2.39
C SER A 23 -4.81 -5.24 -3.42
N GLY A 24 -3.55 -4.95 -3.05
CA GLY A 24 -2.58 -4.46 -4.02
C GLY A 24 -3.12 -3.25 -4.79
N ALA A 1 -6.01 3.37 -10.19
CA ALA A 1 -4.57 3.50 -9.96
C ALA A 1 -4.15 4.96 -10.19
N VAL A 2 -2.91 5.19 -10.65
CA VAL A 2 -2.39 6.44 -11.22
C VAL A 2 -2.29 7.59 -10.21
N GLY A 3 -3.42 8.15 -9.79
CA GLY A 3 -3.51 9.13 -8.72
C GLY A 3 -3.55 8.40 -7.38
N ILE A 4 -4.70 8.51 -6.71
CA ILE A 4 -4.94 7.99 -5.37
C ILE A 4 -4.63 6.49 -5.30
N GLY A 5 -4.92 5.74 -6.38
CA GLY A 5 -4.69 4.30 -6.39
C GLY A 5 -3.20 3.96 -6.42
N ALA A 6 -2.37 4.82 -7.02
CA ALA A 6 -0.93 4.67 -6.97
C ALA A 6 -0.40 4.90 -5.56
N LEU A 7 -1.02 5.81 -4.79
CA LEU A 7 -0.68 5.98 -3.38
C LEU A 7 -1.11 4.74 -2.62
N PHE A 8 -2.28 4.22 -2.92
CA PHE A 8 -2.85 3.11 -2.16
C PHE A 8 -2.03 1.85 -2.32
N LEU A 9 -1.72 1.48 -3.57
CA LEU A 9 -0.93 0.27 -3.81
C LEU A 9 0.55 0.56 -3.56
N GLY A 10 0.93 1.84 -3.68
CA GLY A 10 2.33 2.25 -3.72
C GLY A 10 2.79 2.82 -2.40
N PHE A 11 2.45 4.08 -2.15
CA PHE A 11 2.86 4.86 -0.99
C PHE A 11 2.47 4.17 0.32
N LEU A 12 1.20 3.74 0.42
CA LEU A 12 0.64 2.94 1.51
C LEU A 12 1.20 1.52 1.45
N GLY A 13 1.20 0.88 0.27
CA GLY A 13 1.54 -0.53 0.16
C GLY A 13 3.00 -0.83 0.47
N ALA A 14 3.92 0.11 0.22
CA ALA A 14 5.30 0.05 0.66
C ALA A 14 5.38 0.01 2.19
N ALA A 15 4.54 0.78 2.88
CA ALA A 15 4.34 0.73 4.32
C ALA A 15 3.43 -0.41 4.78
N GLY A 16 3.17 -1.39 3.91
CA GLY A 16 2.28 -2.52 4.17
C GLY A 16 2.92 -3.54 5.10
N SER A 17 3.82 -3.09 5.97
CA SER A 17 4.53 -3.91 6.96
C SER A 17 3.58 -4.51 8.01
N THR A 18 2.38 -3.93 8.16
CA THR A 18 1.30 -4.48 9.00
C THR A 18 0.59 -5.61 8.24
N VAL A 19 1.37 -6.57 7.72
CA VAL A 19 0.93 -7.82 7.11
C VAL A 19 -0.19 -8.51 7.90
N GLY A 20 0.05 -8.72 9.19
CA GLY A 20 -0.93 -9.24 10.15
C GLY A 20 -1.61 -8.09 10.88
N ALA A 21 -2.74 -8.38 11.53
CA ALA A 21 -3.62 -7.42 12.21
C ALA A 21 -4.20 -6.34 11.29
N ALA A 22 -4.11 -6.51 9.96
CA ALA A 22 -4.59 -5.55 8.97
C ALA A 22 -6.11 -5.33 9.08
N SER A 23 -6.86 -6.36 9.45
CA SER A 23 -8.29 -6.32 9.74
C SER A 23 -8.63 -5.77 11.13
N GLY A 24 -7.61 -5.58 11.98
CA GLY A 24 -7.70 -5.91 13.40
C GLY A 24 -6.97 -7.23 13.61
N ALA A 1 -2.59 2.39 -9.90
CA ALA A 1 -3.15 3.38 -10.83
C ALA A 1 -2.30 4.65 -10.79
N VAL A 2 -2.89 5.86 -10.80
CA VAL A 2 -2.18 7.10 -11.12
C VAL A 2 -2.17 8.13 -9.97
N GLY A 3 -3.34 8.60 -9.52
CA GLY A 3 -3.48 9.49 -8.39
C GLY A 3 -3.47 8.70 -7.09
N ILE A 4 -4.61 8.72 -6.40
CA ILE A 4 -4.78 8.06 -5.11
C ILE A 4 -4.54 6.55 -5.25
N GLY A 5 -4.95 5.99 -6.38
CA GLY A 5 -4.77 4.59 -6.74
C GLY A 5 -3.33 4.21 -7.07
N ALA A 6 -2.43 5.18 -7.32
CA ALA A 6 -1.00 4.92 -7.22
C ALA A 6 -0.63 4.72 -5.76
N LEU A 7 -1.07 5.62 -4.87
CA LEU A 7 -0.70 5.61 -3.45
C LEU A 7 -1.18 4.32 -2.77
N PHE A 8 -2.34 3.84 -3.21
CA PHE A 8 -3.07 2.76 -2.56
C PHE A 8 -2.32 1.44 -2.60
N LEU A 9 -1.84 1.09 -3.80
CA LEU A 9 -0.98 -0.08 -3.99
C LEU A 9 0.48 0.29 -3.72
N GLY A 10 0.79 1.59 -3.79
CA GLY A 10 2.18 2.06 -3.89
C GLY A 10 2.70 2.56 -2.57
N PHE A 11 2.29 3.76 -2.18
CA PHE A 11 2.72 4.44 -0.96
C PHE A 11 2.31 3.64 0.29
N LEU A 12 1.03 3.25 0.35
CA LEU A 12 0.46 2.42 1.40
C LEU A 12 1.09 1.03 1.37
N GLY A 13 1.23 0.42 0.20
CA GLY A 13 1.78 -0.93 0.07
C GLY A 13 3.27 -0.98 0.41
N ALA A 14 4.06 0.06 0.07
CA ALA A 14 5.43 0.21 0.53
C ALA A 14 5.50 0.35 2.04
N ALA A 15 4.58 1.10 2.65
CA ALA A 15 4.39 1.16 4.10
C ALA A 15 3.67 -0.06 4.68
N GLY A 16 3.56 -1.16 3.92
CA GLY A 16 2.75 -2.32 4.24
C GLY A 16 3.36 -3.19 5.34
N SER A 17 3.92 -2.55 6.38
CA SER A 17 4.18 -3.22 7.64
C SER A 17 2.83 -3.64 8.21
N THR A 18 2.70 -4.89 8.67
CA THR A 18 1.40 -5.55 8.91
C THR A 18 0.61 -4.96 10.08
N VAL A 19 1.22 -4.08 10.88
CA VAL A 19 0.53 -3.08 11.71
C VAL A 19 -0.60 -2.41 10.90
N GLY A 20 -0.33 -1.93 9.68
CA GLY A 20 -1.27 -1.32 8.76
C GLY A 20 -2.16 -2.35 8.06
N ALA A 21 -2.64 -3.33 8.83
CA ALA A 21 -3.69 -4.27 8.53
C ALA A 21 -4.28 -4.74 9.86
N ALA A 22 -3.41 -5.13 10.81
CA ALA A 22 -3.80 -5.54 12.15
C ALA A 22 -4.50 -4.43 12.93
N SER A 23 -4.08 -3.17 12.74
CA SER A 23 -4.70 -1.98 13.29
C SER A 23 -5.96 -1.55 12.53
N GLY A 24 -6.24 -2.15 11.37
CA GLY A 24 -6.85 -1.46 10.24
C GLY A 24 -5.74 -0.80 9.41
N ALA A 1 -3.31 2.25 -9.75
CA ALA A 1 -3.77 3.28 -10.69
C ALA A 1 -2.77 4.43 -10.69
N VAL A 2 -3.20 5.70 -10.89
CA VAL A 2 -2.30 6.79 -11.24
C VAL A 2 -2.27 7.92 -10.18
N GLY A 3 -3.43 8.40 -9.72
CA GLY A 3 -3.52 9.38 -8.65
C GLY A 3 -3.44 8.70 -7.29
N ILE A 4 -4.53 8.81 -6.53
CA ILE A 4 -4.64 8.25 -5.19
C ILE A 4 -4.46 6.72 -5.23
N GLY A 5 -4.94 6.10 -6.31
CA GLY A 5 -4.82 4.69 -6.60
C GLY A 5 -3.40 4.24 -6.96
N ALA A 6 -2.49 5.17 -7.31
CA ALA A 6 -1.06 4.88 -7.26
C ALA A 6 -0.62 4.72 -5.80
N LEU A 7 -1.01 5.66 -4.92
CA LEU A 7 -0.60 5.68 -3.51
C LEU A 7 -1.12 4.44 -2.81
N PHE A 8 -2.31 3.99 -3.19
CA PHE A 8 -3.02 2.90 -2.55
C PHE A 8 -2.26 1.59 -2.63
N LEU A 9 -1.79 1.25 -3.83
CA LEU A 9 -0.97 0.07 -4.05
C LEU A 9 0.49 0.38 -3.75
N GLY A 10 0.84 1.67 -3.79
CA GLY A 10 2.23 2.13 -3.84
C GLY A 10 2.72 2.61 -2.48
N PHE A 11 2.33 3.82 -2.12
CA PHE A 11 2.72 4.51 -0.90
C PHE A 11 2.25 3.74 0.35
N LEU A 12 0.97 3.33 0.37
CA LEU A 12 0.37 2.52 1.41
C LEU A 12 0.98 1.11 1.39
N GLY A 13 1.16 0.51 0.20
CA GLY A 13 1.71 -0.84 0.10
C GLY A 13 3.18 -0.90 0.52
N ALA A 14 3.96 0.17 0.30
CA ALA A 14 5.31 0.30 0.83
C ALA A 14 5.30 0.36 2.37
N ALA A 15 4.23 0.90 2.98
CA ALA A 15 3.99 0.84 4.42
C ALA A 15 3.40 -0.49 4.89
N GLY A 16 3.46 -1.54 4.07
CA GLY A 16 2.91 -2.86 4.32
C GLY A 16 3.76 -3.64 5.32
N SER A 17 4.14 -2.97 6.42
CA SER A 17 4.75 -3.59 7.59
C SER A 17 3.69 -4.43 8.32
N THR A 18 2.55 -3.82 8.66
CA THR A 18 1.46 -4.48 9.37
C THR A 18 0.49 -5.11 8.35
N VAL A 19 -0.40 -4.30 7.76
CA VAL A 19 -1.22 -4.65 6.61
C VAL A 19 -0.43 -5.39 5.53
N GLY A 20 -1.00 -6.46 4.99
CA GLY A 20 -0.67 -6.95 3.65
C GLY A 20 -1.69 -6.40 2.65
N ALA A 21 -1.43 -6.57 1.36
CA ALA A 21 -2.29 -6.18 0.25
C ALA A 21 -2.37 -7.31 -0.78
N ALA A 22 -3.01 -7.07 -1.93
CA ALA A 22 -3.19 -8.07 -2.98
C ALA A 22 -1.84 -8.57 -3.55
N SER A 23 -0.81 -7.74 -3.51
CA SER A 23 0.55 -8.09 -3.92
C SER A 23 1.30 -8.93 -2.88
N GLY A 24 0.77 -9.09 -1.67
CA GLY A 24 1.51 -9.48 -0.48
C GLY A 24 1.13 -8.51 0.63
N ALA A 1 -5.74 3.73 -10.45
CA ALA A 1 -4.29 3.89 -10.21
C ALA A 1 -3.93 5.38 -10.35
N VAL A 2 -2.71 5.70 -10.78
CA VAL A 2 -2.21 6.99 -11.25
C VAL A 2 -2.15 8.04 -10.14
N GLY A 3 -3.30 8.58 -9.71
CA GLY A 3 -3.41 9.45 -8.57
C GLY A 3 -3.51 8.62 -7.30
N ILE A 4 -4.68 8.67 -6.67
CA ILE A 4 -4.95 8.05 -5.38
C ILE A 4 -4.65 6.55 -5.41
N GLY A 5 -4.90 5.88 -6.55
CA GLY A 5 -4.69 4.45 -6.66
C GLY A 5 -3.20 4.10 -6.65
N ALA A 6 -2.35 5.01 -7.16
CA ALA A 6 -0.91 4.84 -7.09
C ALA A 6 -0.42 4.97 -5.64
N LEU A 7 -1.05 5.83 -4.84
CA LEU A 7 -0.75 5.90 -3.41
C LEU A 7 -1.20 4.61 -2.73
N PHE A 8 -2.37 4.13 -3.10
CA PHE A 8 -2.99 3.00 -2.43
C PHE A 8 -2.19 1.72 -2.62
N LEU A 9 -1.84 1.42 -3.86
CA LEU A 9 -1.05 0.22 -4.14
C LEU A 9 0.43 0.48 -3.87
N GLY A 10 0.82 1.76 -3.92
CA GLY A 10 2.23 2.15 -3.95
C GLY A 10 2.70 2.64 -2.59
N PHE A 11 2.34 3.89 -2.27
CA PHE A 11 2.76 4.58 -1.04
C PHE A 11 2.32 3.82 0.22
N LEU A 12 1.05 3.43 0.27
CA LEU A 12 0.44 2.62 1.32
C LEU A 12 0.99 1.20 1.27
N GLY A 13 1.09 0.59 0.07
CA GLY A 13 1.52 -0.80 -0.04
C GLY A 13 3.00 -0.98 0.35
N ALA A 14 3.87 -0.02 0.03
CA ALA A 14 5.25 0.02 0.51
C ALA A 14 5.30 0.16 2.04
N ALA A 15 4.37 0.92 2.63
CA ALA A 15 4.18 1.01 4.07
C ALA A 15 3.41 -0.17 4.67
N GLY A 16 3.26 -1.28 3.94
CA GLY A 16 2.46 -2.44 4.30
C GLY A 16 3.15 -3.27 5.38
N SER A 17 3.61 -2.61 6.44
CA SER A 17 4.09 -3.27 7.65
C SER A 17 2.94 -4.03 8.32
N THR A 18 3.25 -5.12 9.01
CA THR A 18 2.30 -6.10 9.55
C THR A 18 1.48 -5.57 10.75
N VAL A 19 1.73 -4.33 11.20
CA VAL A 19 0.91 -3.58 12.15
C VAL A 19 -0.59 -3.67 11.89
N GLY A 20 -1.40 -3.40 12.92
CA GLY A 20 -2.76 -2.92 12.77
C GLY A 20 -2.71 -1.39 12.66
N ALA A 21 -3.20 -0.69 13.68
CA ALA A 21 -3.01 0.74 13.98
C ALA A 21 -3.41 1.77 12.91
N ALA A 22 -3.67 1.39 11.65
CA ALA A 22 -4.08 2.30 10.59
C ALA A 22 -5.43 2.98 10.90
N SER A 23 -6.27 2.31 11.68
CA SER A 23 -7.53 2.78 12.25
C SER A 23 -7.35 3.74 13.43
N GLY A 24 -6.13 3.87 13.96
CA GLY A 24 -5.94 3.94 15.39
C GLY A 24 -5.74 2.50 15.88
N ALA A 1 -7.07 4.39 -9.51
CA ALA A 1 -6.32 4.86 -10.70
C ALA A 1 -5.00 5.52 -10.27
N VAL A 2 -4.13 5.81 -11.22
CA VAL A 2 -2.72 6.24 -11.19
C VAL A 2 -2.41 7.43 -10.26
N GLY A 3 -3.44 8.14 -9.82
CA GLY A 3 -3.39 9.10 -8.72
C GLY A 3 -3.51 8.37 -7.39
N ILE A 4 -4.69 8.45 -6.78
CA ILE A 4 -4.96 7.92 -5.44
C ILE A 4 -4.62 6.43 -5.35
N GLY A 5 -4.88 5.65 -6.41
CA GLY A 5 -4.62 4.22 -6.41
C GLY A 5 -3.11 3.94 -6.41
N ALA A 6 -2.31 4.81 -7.02
CA ALA A 6 -0.87 4.71 -6.96
C ALA A 6 -0.34 4.99 -5.56
N LEU A 7 -0.99 5.86 -4.78
CA LEU A 7 -0.67 6.01 -3.36
C LEU A 7 -1.07 4.75 -2.61
N PHE A 8 -2.24 4.20 -2.94
CA PHE A 8 -2.78 3.09 -2.16
C PHE A 8 -1.93 1.83 -2.34
N LEU A 9 -1.62 1.48 -3.59
CA LEU A 9 -0.79 0.30 -3.84
C LEU A 9 0.67 0.62 -3.60
N GLY A 10 1.02 1.91 -3.67
CA GLY A 10 2.41 2.35 -3.69
C GLY A 10 2.86 2.90 -2.34
N PHE A 11 2.46 4.14 -2.07
CA PHE A 11 2.82 4.90 -0.89
C PHE A 11 2.43 4.18 0.41
N LEU A 12 1.17 3.71 0.48
CA LEU A 12 0.62 2.89 1.53
C LEU A 12 1.19 1.47 1.45
N GLY A 13 1.28 0.87 0.26
CA GLY A 13 1.70 -0.53 0.13
C GLY A 13 3.18 -0.73 0.50
N ALA A 14 4.01 0.31 0.37
CA ALA A 14 5.37 0.31 0.91
C ALA A 14 5.37 0.16 2.44
N ALA A 15 4.37 0.71 3.13
CA ALA A 15 4.11 0.47 4.55
C ALA A 15 3.38 -0.83 4.84
N GLY A 16 3.33 -1.74 3.86
CA GLY A 16 2.61 -3.01 3.92
C GLY A 16 3.32 -4.04 4.80
N SER A 17 3.98 -3.57 5.86
CA SER A 17 4.45 -4.38 6.98
C SER A 17 3.35 -4.57 8.03
N THR A 18 2.38 -3.65 8.11
CA THR A 18 1.23 -3.78 9.02
C THR A 18 0.09 -4.51 8.30
N VAL A 19 -0.81 -3.79 7.62
CA VAL A 19 -1.63 -4.35 6.55
C VAL A 19 -0.77 -5.19 5.61
N GLY A 20 -1.23 -6.38 5.21
CA GLY A 20 -0.48 -7.32 4.38
C GLY A 20 -0.43 -6.91 2.90
N ALA A 21 -0.26 -5.62 2.61
CA ALA A 21 -0.27 -5.00 1.28
C ALA A 21 1.02 -5.30 0.49
N ALA A 22 1.47 -6.56 0.51
CA ALA A 22 2.70 -7.00 -0.15
C ALA A 22 2.63 -6.86 -1.68
N SER A 23 1.43 -6.94 -2.26
CA SER A 23 1.16 -6.67 -3.67
C SER A 23 1.07 -5.16 -3.97
N GLY A 24 1.04 -4.31 -2.94
CA GLY A 24 0.16 -3.16 -2.92
C GLY A 24 -1.21 -3.58 -2.44
N ALA A 1 -3.77 1.85 -11.49
CA ALA A 1 -3.35 2.73 -10.38
C ALA A 1 -2.65 3.94 -10.98
N VAL A 2 -3.08 5.17 -10.66
CA VAL A 2 -2.58 6.39 -11.30
C VAL A 2 -2.42 7.53 -10.27
N GLY A 3 -3.52 8.11 -9.80
CA GLY A 3 -3.56 9.14 -8.76
C GLY A 3 -3.52 8.51 -7.38
N ILE A 4 -4.63 8.65 -6.66
CA ILE A 4 -4.79 8.15 -5.28
C ILE A 4 -4.52 6.64 -5.23
N GLY A 5 -4.89 5.91 -6.28
CA GLY A 5 -4.72 4.47 -6.37
C GLY A 5 -3.23 4.09 -6.47
N ALA A 6 -2.40 4.96 -7.03
CA ALA A 6 -0.95 4.78 -7.01
C ALA A 6 -0.40 4.96 -5.59
N LEU A 7 -0.99 5.84 -4.78
CA LEU A 7 -0.63 5.96 -3.36
C LEU A 7 -1.07 4.71 -2.64
N PHE A 8 -2.24 4.17 -2.98
CA PHE A 8 -2.73 2.99 -2.28
C PHE A 8 -1.83 1.78 -2.54
N LEU A 9 -1.55 1.53 -3.82
CA LEU A 9 -0.72 0.42 -4.24
C LEU A 9 0.71 0.65 -3.75
N GLY A 10 1.11 1.91 -3.81
CA GLY A 10 2.50 2.32 -3.74
C GLY A 10 2.89 2.82 -2.37
N PHE A 11 2.39 4.01 -2.01
CA PHE A 11 2.71 4.71 -0.77
C PHE A 11 2.26 3.90 0.46
N LEU A 12 1.00 3.42 0.45
CA LEU A 12 0.42 2.53 1.44
C LEU A 12 1.06 1.15 1.32
N GLY A 13 1.24 0.60 0.11
CA GLY A 13 1.76 -0.76 -0.04
C GLY A 13 3.22 -0.88 0.41
N ALA A 14 4.03 0.19 0.25
CA ALA A 14 5.36 0.26 0.84
C ALA A 14 5.28 0.17 2.37
N ALA A 15 4.33 0.88 2.98
CA ALA A 15 4.00 0.76 4.40
C ALA A 15 3.11 -0.45 4.71
N GLY A 16 2.98 -1.39 3.80
CA GLY A 16 2.11 -2.56 3.87
C GLY A 16 2.66 -3.62 4.84
N SER A 17 3.42 -3.18 5.84
CA SER A 17 4.32 -3.99 6.64
C SER A 17 3.56 -4.72 7.74
N THR A 18 2.90 -3.96 8.64
CA THR A 18 2.15 -4.52 9.77
C THR A 18 0.68 -4.80 9.40
N VAL A 19 0.02 -3.86 8.70
CA VAL A 19 -1.29 -4.07 8.08
C VAL A 19 -1.36 -5.43 7.36
N GLY A 20 -2.53 -6.09 7.39
CA GLY A 20 -2.76 -7.36 6.72
C GLY A 20 -2.94 -7.23 5.19
N ALA A 21 -2.39 -6.19 4.58
CA ALA A 21 -2.57 -5.85 3.17
C ALA A 21 -1.28 -5.24 2.62
N ALA A 22 -0.34 -6.11 2.23
CA ALA A 22 0.92 -5.68 1.61
C ALA A 22 0.70 -5.08 0.22
N SER A 23 -0.34 -5.50 -0.49
CA SER A 23 -0.56 -5.14 -1.89
C SER A 23 -1.13 -3.73 -2.09
N GLY A 24 -1.56 -3.03 -1.03
CA GLY A 24 -2.23 -1.75 -1.11
C GLY A 24 -3.70 -1.87 -0.70
N ALA A 1 -5.24 2.94 -10.69
CA ALA A 1 -5.36 4.38 -10.96
C ALA A 1 -4.05 5.06 -10.55
N VAL A 2 -3.53 5.95 -11.40
CA VAL A 2 -2.17 6.51 -11.30
C VAL A 2 -2.07 7.57 -10.18
N GLY A 3 -3.21 8.13 -9.77
CA GLY A 3 -3.34 9.05 -8.65
C GLY A 3 -3.46 8.27 -7.34
N ILE A 4 -4.68 8.25 -6.81
CA ILE A 4 -5.03 7.69 -5.51
C ILE A 4 -4.63 6.21 -5.46
N GLY A 5 -4.78 5.47 -6.57
CA GLY A 5 -4.46 4.05 -6.57
C GLY A 5 -2.97 3.82 -6.39
N ALA A 6 -2.15 4.71 -6.96
CA ALA A 6 -0.71 4.66 -6.82
C ALA A 6 -0.28 4.98 -5.39
N LEU A 7 -1.01 5.84 -4.67
CA LEU A 7 -0.77 6.02 -3.24
C LEU A 7 -1.17 4.77 -2.50
N PHE A 8 -2.33 4.22 -2.85
CA PHE A 8 -2.93 3.14 -2.06
C PHE A 8 -2.09 1.89 -2.11
N LEU A 9 -1.69 1.46 -3.31
CA LEU A 9 -0.86 0.27 -3.45
C LEU A 9 0.61 0.62 -3.26
N GLY A 10 0.96 1.91 -3.42
CA GLY A 10 2.35 2.33 -3.44
C GLY A 10 2.75 2.95 -2.13
N PHE A 11 2.42 4.23 -1.97
CA PHE A 11 2.77 5.06 -0.81
C PHE A 11 2.37 4.39 0.51
N LEU A 12 1.12 3.90 0.60
CA LEU A 12 0.60 3.08 1.68
C LEU A 12 1.07 1.64 1.52
N GLY A 13 0.85 1.03 0.35
CA GLY A 13 0.94 -0.43 0.23
C GLY A 13 2.36 -0.98 0.37
N ALA A 14 3.39 -0.20 0.01
CA ALA A 14 4.80 -0.54 0.23
C ALA A 14 5.24 -0.28 1.68
N ALA A 15 4.52 0.58 2.42
CA ALA A 15 4.62 0.67 3.88
C ALA A 15 3.82 -0.43 4.59
N GLY A 16 3.41 -1.47 3.86
CA GLY A 16 2.55 -2.53 4.33
C GLY A 16 3.27 -3.49 5.26
N SER A 17 4.03 -2.94 6.23
CA SER A 17 4.66 -3.71 7.29
C SER A 17 3.60 -4.39 8.17
N THR A 18 2.41 -3.80 8.26
CA THR A 18 1.19 -4.53 8.57
C THR A 18 0.80 -5.29 7.29
N VAL A 19 1.37 -6.49 7.14
CA VAL A 19 1.34 -7.39 5.98
C VAL A 19 -0.03 -7.56 5.30
N GLY A 20 -1.16 -7.25 5.97
CA GLY A 20 -2.49 -7.19 5.36
C GLY A 20 -2.65 -5.95 4.48
N ALA A 21 -1.76 -5.79 3.49
CA ALA A 21 -1.62 -4.66 2.58
C ALA A 21 -0.92 -5.17 1.30
N ALA A 22 -0.61 -4.27 0.36
CA ALA A 22 -0.04 -4.63 -0.95
C ALA A 22 1.33 -5.33 -0.82
N SER A 23 2.07 -5.06 0.24
CA SER A 23 3.31 -5.75 0.60
C SER A 23 3.14 -7.26 0.90
N GLY A 24 1.91 -7.78 1.04
CA GLY A 24 1.63 -9.19 1.31
C GLY A 24 1.04 -9.86 0.09
N ALA A 1 -2.83 1.72 -9.10
CA ALA A 1 -3.32 2.54 -10.22
C ALA A 1 -2.40 3.76 -10.38
N VAL A 2 -2.91 4.95 -10.74
CA VAL A 2 -2.08 6.02 -11.31
C VAL A 2 -2.08 7.33 -10.49
N GLY A 3 -3.26 7.87 -10.12
CA GLY A 3 -3.36 9.05 -9.28
C GLY A 3 -3.26 8.66 -7.80
N ILE A 4 -4.35 8.90 -7.08
CA ILE A 4 -4.46 8.56 -5.66
C ILE A 4 -4.35 7.03 -5.48
N GLY A 5 -4.82 6.30 -6.49
CA GLY A 5 -4.76 4.85 -6.58
C GLY A 5 -3.34 4.32 -6.83
N ALA A 6 -2.39 5.16 -7.25
CA ALA A 6 -0.98 4.82 -7.14
C ALA A 6 -0.57 4.82 -5.67
N LEU A 7 -0.99 5.84 -4.91
CA LEU A 7 -0.59 6.00 -3.52
C LEU A 7 -1.17 4.86 -2.69
N PHE A 8 -2.42 4.49 -2.99
CA PHE A 8 -3.13 3.42 -2.30
C PHE A 8 -2.39 2.10 -2.38
N LEU A 9 -1.99 1.73 -3.59
CA LEU A 9 -1.33 0.47 -3.85
C LEU A 9 0.13 0.58 -3.40
N GLY A 10 0.70 1.76 -3.63
CA GLY A 10 2.13 1.98 -3.66
C GLY A 10 2.63 2.60 -2.37
N PHE A 11 2.31 3.87 -2.14
CA PHE A 11 2.76 4.66 -1.00
C PHE A 11 2.29 4.03 0.33
N LEU A 12 1.00 3.70 0.40
CA LEU A 12 0.36 2.96 1.48
C LEU A 12 0.88 1.52 1.51
N GLY A 13 0.94 0.83 0.36
CA GLY A 13 1.28 -0.59 0.36
C GLY A 13 2.75 -0.83 0.73
N ALA A 14 3.65 0.12 0.50
CA ALA A 14 5.01 0.08 1.03
C ALA A 14 5.01 0.08 2.56
N ALA A 15 4.12 0.87 3.19
CA ALA A 15 3.84 0.81 4.62
C ALA A 15 2.89 -0.32 5.03
N GLY A 16 2.65 -1.29 4.15
CA GLY A 16 1.97 -2.54 4.45
C GLY A 16 2.92 -3.49 5.20
N SER A 17 3.73 -2.95 6.10
CA SER A 17 4.80 -3.64 6.83
C SER A 17 4.30 -4.32 8.11
N THR A 18 3.10 -4.92 8.08
CA THR A 18 2.58 -5.76 9.15
C THR A 18 3.38 -7.07 9.26
N VAL A 19 3.18 -7.83 10.35
CA VAL A 19 3.83 -9.12 10.64
C VAL A 19 3.89 -10.06 9.43
N GLY A 20 2.76 -10.29 8.76
CA GLY A 20 2.69 -10.63 7.36
C GLY A 20 2.47 -9.32 6.62
N ALA A 21 3.24 -9.07 5.57
CA ALA A 21 3.42 -7.76 4.96
C ALA A 21 2.87 -7.73 3.53
N ALA A 22 3.21 -6.69 2.77
CA ALA A 22 2.78 -6.53 1.38
C ALA A 22 3.29 -7.66 0.47
N SER A 23 4.43 -8.28 0.82
CA SER A 23 4.95 -9.46 0.15
C SER A 23 4.24 -10.76 0.56
N GLY A 24 3.39 -10.77 1.60
CA GLY A 24 2.97 -11.95 2.33
C GLY A 24 3.26 -11.76 3.81
N ALA A 1 -2.71 1.86 -9.19
CA ALA A 1 -3.26 2.73 -10.26
C ALA A 1 -2.38 3.96 -10.40
N VAL A 2 -2.93 5.17 -10.63
CA VAL A 2 -2.17 6.31 -11.17
C VAL A 2 -2.14 7.53 -10.24
N GLY A 3 -3.30 8.06 -9.81
CA GLY A 3 -3.38 9.17 -8.86
C GLY A 3 -3.28 8.64 -7.44
N ILE A 4 -4.38 8.84 -6.70
CA ILE A 4 -4.50 8.39 -5.30
C ILE A 4 -4.37 6.86 -5.22
N GLY A 5 -4.83 6.18 -6.28
CA GLY A 5 -4.73 4.74 -6.46
C GLY A 5 -3.31 4.25 -6.75
N ALA A 6 -2.38 5.13 -7.16
CA ALA A 6 -0.96 4.81 -7.09
C ALA A 6 -0.52 4.75 -5.62
N LEU A 7 -0.95 5.73 -4.81
CA LEU A 7 -0.57 5.82 -3.40
C LEU A 7 -1.12 4.61 -2.66
N PHE A 8 -2.32 4.18 -3.00
CA PHE A 8 -2.95 3.01 -2.39
C PHE A 8 -2.11 1.76 -2.57
N LEU A 9 -1.70 1.52 -3.81
CA LEU A 9 -0.95 0.32 -4.16
C LEU A 9 0.48 0.45 -3.65
N GLY A 10 0.98 1.67 -3.71
CA GLY A 10 2.40 2.00 -3.61
C GLY A 10 2.78 2.52 -2.23
N PHE A 11 2.32 3.72 -1.91
CA PHE A 11 2.66 4.46 -0.69
C PHE A 11 2.11 3.75 0.55
N LEU A 12 0.83 3.38 0.52
CA LEU A 12 0.15 2.53 1.49
C LEU A 12 0.74 1.11 1.43
N GLY A 13 1.03 0.58 0.24
CA GLY A 13 1.51 -0.79 0.12
C GLY A 13 2.93 -0.96 0.69
N ALA A 14 3.77 0.08 0.64
CA ALA A 14 5.02 0.10 1.40
C ALA A 14 4.77 0.00 2.91
N ALA A 15 3.74 0.70 3.40
CA ALA A 15 3.27 0.53 4.78
C ALA A 15 2.39 -0.69 5.00
N GLY A 16 2.38 -1.60 4.02
CA GLY A 16 2.03 -3.01 4.15
C GLY A 16 3.17 -3.79 4.81
N SER A 17 4.20 -3.07 5.27
CA SER A 17 5.21 -3.59 6.19
C SER A 17 4.58 -3.95 7.55
N THR A 18 3.53 -3.26 8.00
CA THR A 18 2.59 -3.82 8.97
C THR A 18 1.45 -4.53 8.24
N VAL A 19 0.77 -5.47 8.91
CA VAL A 19 -0.49 -6.05 8.46
C VAL A 19 -1.47 -4.99 7.92
N GLY A 20 -1.85 -5.11 6.65
CA GLY A 20 -2.95 -4.35 6.06
C GLY A 20 -4.25 -5.17 6.09
N ALA A 21 -5.38 -4.52 5.83
CA ALA A 21 -6.71 -5.12 5.88
C ALA A 21 -7.63 -4.53 4.79
N ALA A 22 -8.91 -4.95 4.78
CA ALA A 22 -9.90 -4.49 3.81
C ALA A 22 -10.15 -2.97 3.91
N SER A 23 -9.95 -2.39 5.09
CA SER A 23 -9.97 -0.96 5.36
C SER A 23 -8.80 -0.19 4.73
N GLY A 24 -7.80 -0.89 4.21
CA GLY A 24 -6.42 -0.49 4.40
C GLY A 24 -5.96 -1.22 5.66
N ALA A 1 -3.53 1.97 -12.34
CA ALA A 1 -3.82 3.03 -11.35
C ALA A 1 -2.79 4.15 -11.51
N VAL A 2 -3.15 5.39 -11.18
CA VAL A 2 -2.34 6.56 -11.54
C VAL A 2 -2.24 7.60 -10.41
N GLY A 3 -3.36 8.18 -9.96
CA GLY A 3 -3.42 9.16 -8.90
C GLY A 3 -3.44 8.48 -7.53
N ILE A 4 -4.57 8.64 -6.86
CA ILE A 4 -4.82 8.13 -5.51
C ILE A 4 -4.56 6.62 -5.44
N GLY A 5 -4.88 5.89 -6.53
CA GLY A 5 -4.73 4.45 -6.56
C GLY A 5 -3.25 4.04 -6.56
N ALA A 6 -2.39 4.86 -7.19
CA ALA A 6 -0.95 4.66 -7.15
C ALA A 6 -0.41 4.91 -5.74
N LEU A 7 -0.98 5.86 -4.98
CA LEU A 7 -0.62 6.06 -3.58
C LEU A 7 -1.06 4.84 -2.77
N PHE A 8 -2.27 4.36 -3.06
CA PHE A 8 -2.88 3.31 -2.26
C PHE A 8 -2.09 2.01 -2.36
N LEU A 9 -1.79 1.59 -3.60
CA LEU A 9 -1.02 0.37 -3.78
C LEU A 9 0.46 0.63 -3.52
N GLY A 10 0.87 1.89 -3.66
CA GLY A 10 2.28 2.28 -3.69
C GLY A 10 2.74 2.87 -2.37
N PHE A 11 2.46 4.15 -2.19
CA PHE A 11 2.83 4.98 -1.04
C PHE A 11 2.40 4.33 0.29
N LEU A 12 1.14 3.89 0.36
CA LEU A 12 0.56 3.13 1.46
C LEU A 12 1.05 1.69 1.42
N GLY A 13 1.02 1.02 0.27
CA GLY A 13 1.24 -0.42 0.21
C GLY A 13 2.69 -0.80 0.55
N ALA A 14 3.66 0.05 0.23
CA ALA A 14 5.04 -0.12 0.67
C ALA A 14 5.16 -0.10 2.20
N ALA A 15 4.33 0.69 2.88
CA ALA A 15 4.17 0.69 4.34
C ALA A 15 3.29 -0.44 4.87
N GLY A 16 3.00 -1.45 4.06
CA GLY A 16 2.07 -2.54 4.42
C GLY A 16 2.70 -3.52 5.41
N SER A 17 3.72 -3.09 6.16
CA SER A 17 4.50 -3.86 7.11
C SER A 17 3.68 -4.20 8.36
N THR A 18 2.69 -5.09 8.23
CA THR A 18 1.93 -5.61 9.36
C THR A 18 2.73 -6.73 10.07
N VAL A 19 2.08 -7.42 11.01
CA VAL A 19 2.50 -8.74 11.49
C VAL A 19 2.92 -9.67 10.33
N GLY A 20 2.09 -9.76 9.29
CA GLY A 20 2.43 -10.37 8.01
C GLY A 20 2.89 -9.32 7.00
N ALA A 21 3.46 -9.77 5.88
CA ALA A 21 3.91 -8.93 4.77
C ALA A 21 4.78 -7.75 5.25
N ALA A 22 5.81 -8.04 6.04
CA ALA A 22 6.67 -7.02 6.63
C ALA A 22 7.38 -6.18 5.55
N SER A 23 7.63 -6.78 4.39
CA SER A 23 8.15 -6.18 3.17
C SER A 23 7.17 -5.24 2.45
N GLY A 24 5.88 -5.24 2.83
CA GLY A 24 4.82 -5.19 1.83
C GLY A 24 4.64 -6.56 1.19
N ALA A 1 -3.40 1.95 -9.25
CA ALA A 1 -3.92 2.91 -10.25
C ALA A 1 -2.90 4.05 -10.41
N VAL A 2 -3.34 5.29 -10.72
CA VAL A 2 -2.44 6.37 -11.16
C VAL A 2 -2.44 7.57 -10.19
N GLY A 3 -3.61 8.04 -9.74
CA GLY A 3 -3.71 9.09 -8.75
C GLY A 3 -3.58 8.53 -7.34
N ILE A 4 -4.66 8.65 -6.58
CA ILE A 4 -4.73 8.20 -5.18
C ILE A 4 -4.50 6.69 -5.11
N GLY A 5 -4.99 5.97 -6.11
CA GLY A 5 -4.82 4.53 -6.25
C GLY A 5 -3.40 4.12 -6.65
N ALA A 6 -2.52 5.03 -7.10
CA ALA A 6 -1.09 4.77 -7.10
C ALA A 6 -0.57 4.73 -5.66
N LEU A 7 -1.02 5.68 -4.82
CA LEU A 7 -0.58 5.78 -3.42
C LEU A 7 -1.00 4.52 -2.68
N PHE A 8 -2.19 3.99 -3.00
CA PHE A 8 -2.76 2.88 -2.27
C PHE A 8 -1.87 1.64 -2.36
N LEU A 9 -1.46 1.29 -3.59
CA LEU A 9 -0.60 0.13 -3.81
C LEU A 9 0.88 0.49 -3.61
N GLY A 10 1.18 1.78 -3.68
CA GLY A 10 2.53 2.30 -3.77
C GLY A 10 3.02 2.84 -2.43
N PHE A 11 2.50 4.01 -2.06
CA PHE A 11 2.88 4.75 -0.87
C PHE A 11 2.44 4.00 0.40
N LEU A 12 1.18 3.57 0.44
CA LEU A 12 0.58 2.75 1.48
C LEU A 12 1.10 1.31 1.37
N GLY A 13 1.24 0.76 0.16
CA GLY A 13 1.75 -0.59 -0.02
C GLY A 13 3.23 -0.72 0.38
N ALA A 14 4.04 0.34 0.25
CA ALA A 14 5.39 0.38 0.82
C ALA A 14 5.35 0.32 2.35
N ALA A 15 4.33 0.90 2.98
CA ALA A 15 4.01 0.72 4.39
C ALA A 15 3.28 -0.59 4.72
N GLY A 16 3.29 -1.55 3.78
CA GLY A 16 2.60 -2.83 3.90
C GLY A 16 3.34 -3.78 4.84
N SER A 17 3.81 -3.24 5.97
CA SER A 17 4.39 -3.99 7.08
C SER A 17 3.28 -4.56 7.97
N THR A 18 2.27 -3.74 8.29
CA THR A 18 1.16 -4.11 9.17
C THR A 18 0.02 -4.69 8.33
N VAL A 19 -0.80 -3.83 7.72
CA VAL A 19 -1.58 -4.13 6.52
C VAL A 19 -0.73 -4.88 5.48
N GLY A 20 -1.35 -5.74 4.66
CA GLY A 20 -0.65 -6.38 3.54
C GLY A 20 -0.41 -5.39 2.40
N ALA A 21 -1.43 -4.57 2.07
CA ALA A 21 -1.46 -3.37 1.23
C ALA A 21 -0.82 -3.38 -0.17
N ALA A 22 -0.06 -4.41 -0.57
CA ALA A 22 0.56 -4.47 -1.89
C ALA A 22 -0.47 -4.47 -3.02
N SER A 23 -1.68 -4.99 -2.76
CA SER A 23 -2.80 -4.98 -3.68
C SER A 23 -3.45 -3.60 -3.83
N GLY A 24 -3.21 -2.67 -2.90
CA GLY A 24 -4.01 -1.47 -2.69
C GLY A 24 -4.28 -1.29 -1.21
N ALA A 1 -0.74 1.68 -11.75
CA ALA A 1 -1.62 2.61 -11.00
C ALA A 1 -1.29 4.04 -11.40
N VAL A 2 -2.13 5.03 -11.03
CA VAL A 2 -1.98 6.42 -11.49
C VAL A 2 -2.05 7.43 -10.33
N GLY A 3 -3.24 7.92 -9.96
CA GLY A 3 -3.45 8.94 -8.95
C GLY A 3 -3.47 8.36 -7.55
N ILE A 4 -4.64 8.48 -6.93
CA ILE A 4 -4.92 8.04 -5.57
C ILE A 4 -4.64 6.53 -5.43
N GLY A 5 -4.88 5.76 -6.49
CA GLY A 5 -4.67 4.32 -6.50
C GLY A 5 -3.18 3.99 -6.38
N ALA A 6 -2.31 4.83 -6.93
CA ALA A 6 -0.87 4.69 -6.78
C ALA A 6 -0.44 4.97 -5.35
N LEU A 7 -1.11 5.87 -4.63
CA LEU A 7 -0.85 6.03 -3.21
C LEU A 7 -1.32 4.82 -2.44
N PHE A 8 -2.51 4.34 -2.78
CA PHE A 8 -3.19 3.28 -2.03
C PHE A 8 -2.41 1.98 -2.09
N LEU A 9 -2.03 1.59 -3.30
CA LEU A 9 -1.22 0.39 -3.49
C LEU A 9 0.23 0.72 -3.14
N GLY A 10 0.66 1.92 -3.50
CA GLY A 10 2.09 2.20 -3.60
C GLY A 10 2.62 2.84 -2.33
N PHE A 11 2.26 4.11 -2.10
CA PHE A 11 2.71 4.87 -0.94
C PHE A 11 2.37 4.15 0.38
N LEU A 12 1.12 3.70 0.51
CA LEU A 12 0.62 2.91 1.64
C LEU A 12 1.18 1.49 1.59
N GLY A 13 1.08 0.78 0.47
CA GLY A 13 1.49 -0.63 0.42
C GLY A 13 3.00 -0.84 0.56
N ALA A 14 3.84 0.17 0.29
CA ALA A 14 5.24 0.15 0.66
C ALA A 14 5.40 0.08 2.19
N ALA A 15 4.53 0.77 2.95
CA ALA A 15 4.38 0.61 4.39
C ALA A 15 3.51 -0.60 4.76
N GLY A 16 3.27 -1.51 3.82
CA GLY A 16 2.46 -2.72 4.00
C GLY A 16 3.22 -3.78 4.80
N SER A 17 4.10 -3.34 5.70
CA SER A 17 4.76 -4.17 6.69
C SER A 17 3.78 -4.57 7.81
N THR A 18 2.67 -3.82 7.97
CA THR A 18 1.53 -4.23 8.78
C THR A 18 0.54 -4.98 7.88
N VAL A 19 -0.62 -4.39 7.52
CA VAL A 19 -1.48 -4.84 6.43
C VAL A 19 -0.67 -5.19 5.18
N GLY A 20 -0.68 -6.47 4.79
CA GLY A 20 0.00 -6.93 3.60
C GLY A 20 -0.77 -6.49 2.35
N ALA A 21 -0.07 -5.97 1.34
CA ALA A 21 -0.65 -5.73 0.02
C ALA A 21 -0.93 -7.07 -0.66
N ALA A 22 -2.09 -7.66 -0.34
CA ALA A 22 -2.46 -9.02 -0.73
C ALA A 22 -2.50 -9.23 -2.25
N SER A 23 -2.79 -8.17 -3.01
CA SER A 23 -2.75 -8.12 -4.46
C SER A 23 -1.33 -8.30 -5.04
N GLY A 24 -0.28 -8.10 -4.25
CA GLY A 24 0.93 -7.46 -4.76
C GLY A 24 0.63 -5.99 -5.05
N ALA A 1 -7.21 4.42 -10.85
CA ALA A 1 -5.90 4.22 -10.19
C ALA A 1 -4.98 5.39 -10.58
N VAL A 2 -3.68 5.16 -10.79
CA VAL A 2 -2.70 6.06 -11.42
C VAL A 2 -2.34 7.30 -10.60
N GLY A 3 -3.33 8.08 -10.14
CA GLY A 3 -3.17 9.16 -9.18
C GLY A 3 -3.20 8.59 -7.77
N ILE A 4 -4.27 8.89 -7.03
CA ILE A 4 -4.44 8.50 -5.63
C ILE A 4 -4.33 6.98 -5.47
N GLY A 5 -4.80 6.21 -6.47
CA GLY A 5 -4.76 4.76 -6.42
C GLY A 5 -3.32 4.23 -6.50
N ALA A 6 -2.43 4.94 -7.21
CA ALA A 6 -1.02 4.62 -7.24
C ALA A 6 -0.36 4.87 -5.87
N LEU A 7 -0.84 5.87 -5.11
CA LEU A 7 -0.43 6.03 -3.71
C LEU A 7 -0.98 4.88 -2.89
N PHE A 8 -2.21 4.48 -3.17
CA PHE A 8 -2.93 3.51 -2.34
C PHE A 8 -2.30 2.13 -2.39
N LEU A 9 -2.03 1.66 -3.61
CA LEU A 9 -1.33 0.39 -3.79
C LEU A 9 0.16 0.56 -3.54
N GLY A 10 0.64 1.80 -3.71
CA GLY A 10 2.07 2.09 -3.79
C GLY A 10 2.64 2.65 -2.49
N PHE A 11 2.43 3.95 -2.30
CA PHE A 11 2.90 4.74 -1.17
C PHE A 11 2.42 4.15 0.17
N LEU A 12 1.12 3.85 0.27
CA LEU A 12 0.47 3.18 1.39
C LEU A 12 0.92 1.71 1.45
N GLY A 13 0.97 1.01 0.32
CA GLY A 13 1.29 -0.41 0.32
C GLY A 13 2.74 -0.67 0.71
N ALA A 14 3.66 0.27 0.45
CA ALA A 14 5.02 0.24 0.96
C ALA A 14 5.06 0.31 2.51
N ALA A 15 4.08 0.95 3.14
CA ALA A 15 3.88 0.93 4.59
C ALA A 15 3.19 -0.33 5.10
N GLY A 16 3.13 -1.38 4.28
CA GLY A 16 2.40 -2.64 4.51
C GLY A 16 3.15 -3.50 5.53
N SER A 17 3.34 -2.88 6.69
CA SER A 17 3.96 -3.30 7.92
C SER A 17 3.19 -4.47 8.55
N THR A 18 3.27 -5.63 7.91
CA THR A 18 2.72 -6.88 8.40
C THR A 18 3.52 -7.29 9.65
N VAL A 19 2.87 -7.20 10.82
CA VAL A 19 3.23 -7.93 12.04
C VAL A 19 3.54 -9.42 11.77
N GLY A 20 2.91 -10.02 10.75
CA GLY A 20 3.12 -11.40 10.32
C GLY A 20 4.13 -11.47 9.16
N ALA A 21 3.95 -12.45 8.27
CA ALA A 21 4.64 -12.49 6.98
C ALA A 21 3.83 -11.70 5.93
N ALA A 22 4.37 -11.62 4.70
CA ALA A 22 3.70 -11.00 3.56
C ALA A 22 2.41 -11.73 3.19
N SER A 23 2.33 -13.03 3.47
CA SER A 23 1.15 -13.88 3.33
C SER A 23 0.09 -13.64 4.40
N GLY A 24 0.42 -12.88 5.46
CA GLY A 24 0.00 -13.24 6.80
C GLY A 24 1.08 -14.17 7.35
N ALA A 1 -4.94 2.95 -9.63
CA ALA A 1 -5.45 4.13 -10.35
C ALA A 1 -4.54 5.35 -10.16
N VAL A 2 -3.49 5.40 -10.99
CA VAL A 2 -2.58 6.48 -11.43
C VAL A 2 -2.23 7.56 -10.40
N GLY A 3 -3.22 8.33 -9.93
CA GLY A 3 -3.07 9.28 -8.84
C GLY A 3 -3.20 8.56 -7.51
N ILE A 4 -4.33 8.79 -6.85
CA ILE A 4 -4.64 8.30 -5.51
C ILE A 4 -4.45 6.78 -5.42
N GLY A 5 -4.83 6.03 -6.47
CA GLY A 5 -4.73 4.58 -6.43
C GLY A 5 -3.28 4.12 -6.49
N ALA A 6 -2.40 4.89 -7.14
CA ALA A 6 -0.98 4.62 -7.13
C ALA A 6 -0.38 4.85 -5.74
N LEU A 7 -0.89 5.81 -4.96
CA LEU A 7 -0.53 5.94 -3.55
C LEU A 7 -1.04 4.74 -2.78
N PHE A 8 -2.25 4.30 -3.10
CA PHE A 8 -2.96 3.30 -2.31
C PHE A 8 -2.28 1.94 -2.38
N LEU A 9 -1.99 1.50 -3.61
CA LEU A 9 -1.27 0.25 -3.81
C LEU A 9 0.22 0.48 -3.58
N GLY A 10 0.66 1.73 -3.73
CA GLY A 10 2.09 2.04 -3.82
C GLY A 10 2.65 2.60 -2.53
N PHE A 11 2.39 3.88 -2.27
CA PHE A 11 2.88 4.62 -1.13
C PHE A 11 2.45 3.97 0.20
N LEU A 12 1.14 3.66 0.31
CA LEU A 12 0.53 2.95 1.43
C LEU A 12 0.99 1.49 1.44
N GLY A 13 1.03 0.82 0.29
CA GLY A 13 1.38 -0.60 0.24
C GLY A 13 2.85 -0.84 0.60
N ALA A 14 3.75 0.09 0.26
CA ALA A 14 5.14 0.09 0.71
C ALA A 14 5.23 0.23 2.24
N ALA A 15 4.31 1.01 2.85
CA ALA A 15 4.17 1.09 4.30
C ALA A 15 3.39 -0.08 4.90
N GLY A 16 3.20 -1.17 4.15
CA GLY A 16 2.29 -2.27 4.44
C GLY A 16 2.88 -3.15 5.54
N SER A 17 2.99 -2.52 6.72
CA SER A 17 3.66 -2.95 7.93
C SER A 17 3.00 -4.17 8.59
N THR A 18 3.03 -5.31 7.87
CA THR A 18 2.53 -6.59 8.34
C THR A 18 3.39 -7.13 9.49
N VAL A 19 2.78 -7.89 10.38
CA VAL A 19 3.43 -9.00 11.07
C VAL A 19 4.26 -9.85 10.09
N GLY A 20 5.32 -10.50 10.60
CA GLY A 20 6.00 -11.57 9.89
C GLY A 20 5.16 -12.85 9.90
N ALA A 21 5.62 -13.88 9.19
CA ALA A 21 4.97 -15.20 9.05
C ALA A 21 3.53 -15.15 8.52
N ALA A 22 3.09 -14.03 7.93
CA ALA A 22 1.73 -13.86 7.42
C ALA A 22 1.39 -14.85 6.29
N SER A 23 2.40 -15.28 5.52
CA SER A 23 2.28 -16.31 4.48
C SER A 23 2.25 -17.73 5.06
N GLY A 24 2.53 -17.90 6.35
CA GLY A 24 3.35 -19.00 6.83
C GLY A 24 4.80 -18.50 6.95
N ALA A 1 -4.10 1.53 -11.19
CA ALA A 1 -3.63 2.48 -10.18
C ALA A 1 -2.84 3.58 -10.88
N VAL A 2 -3.17 4.87 -10.66
CA VAL A 2 -2.57 5.98 -11.40
C VAL A 2 -2.29 7.18 -10.48
N GLY A 3 -3.33 7.90 -10.05
CA GLY A 3 -3.26 9.00 -9.10
C GLY A 3 -3.26 8.48 -7.67
N ILE A 4 -4.36 8.76 -6.95
CA ILE A 4 -4.56 8.38 -5.55
C ILE A 4 -4.43 6.86 -5.39
N GLY A 5 -4.86 6.10 -6.40
CA GLY A 5 -4.79 4.64 -6.41
C GLY A 5 -3.35 4.14 -6.43
N ALA A 6 -2.44 4.89 -7.08
CA ALA A 6 -1.02 4.61 -7.03
C ALA A 6 -0.44 4.86 -5.64
N LEU A 7 -0.95 5.85 -4.90
CA LEU A 7 -0.56 6.04 -3.50
C LEU A 7 -1.07 4.87 -2.68
N PHE A 8 -2.29 4.44 -2.95
CA PHE A 8 -2.92 3.36 -2.19
C PHE A 8 -2.17 2.04 -2.34
N LEU A 9 -1.87 1.69 -3.59
CA LEU A 9 -1.13 0.47 -3.89
C LEU A 9 0.31 0.64 -3.43
N GLY A 10 0.81 1.86 -3.63
CA GLY A 10 2.24 2.13 -3.66
C GLY A 10 2.74 2.75 -2.37
N PHE A 11 2.41 4.01 -2.15
CA PHE A 11 2.84 4.81 -1.00
C PHE A 11 2.39 4.15 0.32
N LEU A 12 1.11 3.77 0.40
CA LEU A 12 0.48 3.03 1.48
C LEU A 12 1.02 1.59 1.47
N GLY A 13 1.06 0.90 0.33
CA GLY A 13 1.40 -0.51 0.31
C GLY A 13 2.87 -0.77 0.67
N ALA A 14 3.77 0.19 0.43
CA ALA A 14 5.14 0.15 0.93
C ALA A 14 5.15 0.14 2.47
N ALA A 15 4.27 0.90 3.12
CA ALA A 15 4.03 0.85 4.55
C ALA A 15 3.12 -0.29 5.00
N GLY A 16 2.87 -1.27 4.13
CA GLY A 16 2.08 -2.47 4.42
C GLY A 16 2.86 -3.45 5.28
N SER A 17 3.68 -2.94 6.20
CA SER A 17 4.73 -3.69 6.89
C SER A 17 4.16 -4.82 7.77
N THR A 18 2.97 -4.61 8.34
CA THR A 18 2.19 -5.63 9.04
C THR A 18 1.51 -6.54 8.01
N VAL A 19 2.32 -7.15 7.12
CA VAL A 19 1.91 -8.07 6.06
C VAL A 19 0.88 -9.09 6.56
N GLY A 20 -0.34 -9.01 6.01
CA GLY A 20 -1.49 -9.75 6.53
C GLY A 20 -1.62 -11.16 5.96
N ALA A 21 -1.09 -11.39 4.75
CA ALA A 21 -1.14 -12.67 4.05
C ALA A 21 0.09 -12.77 3.14
N ALA A 22 1.29 -12.73 3.74
CA ALA A 22 2.55 -12.78 2.99
C ALA A 22 2.70 -14.09 2.21
N SER A 23 2.08 -15.17 2.70
CA SER A 23 1.96 -16.48 2.06
C SER A 23 1.01 -16.49 0.86
N GLY A 24 0.19 -15.44 0.68
CA GLY A 24 -1.19 -15.65 0.25
C GLY A 24 -2.02 -16.20 1.41
#